data_9QJA
#
_entry.id   9QJA
#
_cell.length_a   1.00
_cell.length_b   1.00
_cell.length_c   1.00
_cell.angle_alpha   90.00
_cell.angle_beta   90.00
_cell.angle_gamma   90.00
#
_symmetry.space_group_name_H-M   'P 1'
#
_entity_poly.entity_id   1
_entity_poly.type   'polypeptide(L)'
_entity_poly.pdbx_seq_one_letter_code
;MDEKTTGWRGGHVVEGLAGELEQLRARLEHHPQGQREPEQKLISEEDLGTLEVLFQGPSSQTITSLDPNCVIVFNKTSSA
NEKSLNVEFKRLNIHSIIEPGHDLQTSYAFIRIHQDNAKPLFSFLQNLDFIESIIPYHDTELSDDLHKLISISKSKILEA
PKQYELYNLSNLTNNPKQSLYFAFLQNYIKWLIPFSFFGLSIRFLSNFTYEFNSTYSLFAILWTLSFTAFWLYKYEPFWS
DRLSKYSSFSTIEFLQDKQKAQKKASSVIMLKKCCFIPVALLFGAILLSFQLYCFALEIFIKQIYNGPMISILSFLPTIL
ICTFTPVLTVIYNKYFVEPMTKWENHSSVVNAKKSKEAKNFVIIFLSSYVPLLITLFLYLPMGHLLTAEIRTKVFNAFSI
LARLPTHDSDFIIDTKRYEDQFFYFIVINQLIQFSMENFVPSLVSIAQQKINGPNPNFVKAESEIGKAQLSSSDMKIWSK
VKSYQTDPWGATFDLDANFKKLLLQFGYLVMFSTIWPLAPFICLIVNLIVYQVDLRKAVLYSKPEYFPFPIYDKPSSVSN
TQKLTVGLWNSVLVMFSILGCVITATLTYMYQSCNIPGVGAHTSIHTNKAWYLANPINHSWINIVLYAVFIEHVSVAIFF
LFSSILKSSHDDVANGIVPKHVVNVQNPPKQEVFEKIPSPEFNSNNEKELVQRKGSANEKLHQELGEKQPASSANGYEAH
AATHANNDPSSLSSASSPSLSSSSSSSKTGVVKAVDNDTAGSAGKKPLATESTEKRNSLVKVPTVGSYGVAGATLPETIP
TSKNYYLRFDEDGKSIRDAKSSAESSNATNNNTLGTESKLLPDGDAVDALSRKIDQIPKIAVTGGENNENTQAKDDAATK
TPLIKDANIKPVVNAAVNDNQSKVSVATEQTKKTEVSTKNGPSRSISTKETKDSARPSNNNTTTTTTTDATQPHHHHHHH
RHRDAGVKNVTNNSKTTESSSSSSAAKEKPKHKKGLLHKLKKKLA
;
_entity_poly.pdbx_strand_id   B,A
#
# COMPACT_ATOMS: atom_id res chain seq x y z
N GLN A 61 -18.92 30.78 46.59
CA GLN A 61 -18.41 29.86 45.58
C GLN A 61 -17.07 30.32 45.03
N THR A 62 -16.03 29.52 45.26
CA THR A 62 -14.69 29.81 44.79
C THR A 62 -14.43 29.09 43.47
N ILE A 63 -13.23 29.30 42.93
CA ILE A 63 -12.86 28.66 41.67
C ILE A 63 -12.74 27.15 41.84
N THR A 64 -12.03 26.72 42.89
CA THR A 64 -11.86 25.29 43.13
C THR A 64 -13.16 24.63 43.57
N SER A 65 -14.02 25.35 44.29
CA SER A 65 -15.29 24.78 44.71
C SER A 65 -16.14 24.38 43.52
N LEU A 66 -16.02 25.10 42.40
CA LEU A 66 -16.73 24.70 41.19
C LEU A 66 -16.16 23.42 40.60
N ASP A 67 -14.86 23.18 40.77
CA ASP A 67 -14.17 22.00 40.27
C ASP A 67 -14.40 21.87 38.77
N PRO A 68 -13.85 22.76 37.96
CA PRO A 68 -14.19 22.76 36.54
C PRO A 68 -13.66 21.53 35.82
N ASN A 69 -14.57 20.82 35.17
CA ASN A 69 -14.21 19.75 34.24
C ASN A 69 -14.08 20.25 32.81
N CYS A 70 -14.35 21.53 32.58
CA CYS A 70 -14.24 22.14 31.26
C CYS A 70 -13.90 23.61 31.45
N VAL A 71 -13.07 24.13 30.55
CA VAL A 71 -12.63 25.52 30.58
C VAL A 71 -12.93 26.16 29.24
N ILE A 72 -13.60 27.30 29.27
CA ILE A 72 -13.89 28.08 28.08
C ILE A 72 -13.25 29.45 28.27
N VAL A 73 -12.32 29.80 27.40
CA VAL A 73 -11.65 31.10 27.42
C VAL A 73 -12.09 31.84 26.17
N PHE A 74 -12.70 33.00 26.36
CA PHE A 74 -13.29 33.78 25.28
C PHE A 74 -12.72 35.18 25.25
N ASN A 75 -12.69 35.76 24.05
CA ASN A 75 -12.06 37.06 23.85
C ASN A 75 -12.83 38.14 24.61
N LYS A 76 -12.10 38.93 25.41
CA LYS A 76 -12.70 40.00 26.19
C LYS A 76 -12.68 41.34 25.46
N THR A 77 -12.11 41.40 24.26
CA THR A 77 -12.16 42.63 23.49
C THR A 77 -13.59 43.05 23.20
N SER A 78 -14.48 42.08 22.99
CA SER A 78 -15.90 42.37 22.81
C SER A 78 -16.56 42.56 24.18
N SER A 79 -16.08 43.52 24.96
CA SER A 79 -16.72 43.84 26.23
C SER A 79 -18.00 44.64 26.03
N ALA A 80 -18.03 45.50 25.00
CA ALA A 80 -19.26 46.20 24.68
C ALA A 80 -20.34 45.24 24.23
N ASN A 81 -20.00 44.28 23.36
CA ASN A 81 -20.94 43.21 23.03
C ASN A 81 -21.21 42.33 24.24
N GLU A 82 -20.18 42.05 25.04
CA GLU A 82 -20.30 41.33 26.31
C GLU A 82 -20.91 39.94 26.07
N LYS A 83 -20.12 39.12 25.37
CA LYS A 83 -20.49 37.73 25.08
C LYS A 83 -20.84 36.96 26.35
N SER A 84 -20.40 37.46 27.52
CA SER A 84 -20.74 36.79 28.77
C SER A 84 -22.25 36.70 28.95
N LEU A 85 -23.01 37.62 28.35
CA LEU A 85 -24.47 37.46 28.37
C LEU A 85 -24.88 36.17 27.67
N ASN A 86 -24.29 35.89 26.52
CA ASN A 86 -24.58 34.65 25.81
C ASN A 86 -24.18 33.45 26.66
N VAL A 87 -22.96 33.49 27.22
CA VAL A 87 -22.50 32.32 27.98
C VAL A 87 -23.23 32.18 29.31
N GLU A 88 -23.96 33.20 29.77
CA GLU A 88 -24.72 33.06 30.99
C GLU A 88 -26.18 32.69 30.75
N PHE A 89 -26.80 33.16 29.66
CA PHE A 89 -28.16 32.68 29.41
C PHE A 89 -28.15 31.35 28.69
N LYS A 90 -27.01 30.89 28.20
CA LYS A 90 -26.83 29.48 27.84
C LYS A 90 -26.30 28.66 29.00
N ARG A 91 -26.07 29.29 30.14
CA ARG A 91 -25.62 28.64 31.37
C ARG A 91 -26.80 28.16 32.23
N LEU A 92 -28.03 28.31 31.74
CA LEU A 92 -29.22 28.07 32.55
C LEU A 92 -29.30 26.65 33.09
N ASN A 93 -28.61 25.69 32.46
CA ASN A 93 -28.75 24.29 32.85
C ASN A 93 -27.59 23.75 33.69
N ILE A 94 -26.39 24.32 33.58
CA ILE A 94 -25.24 23.86 34.35
C ILE A 94 -24.51 25.08 34.92
N HIS A 95 -24.06 24.97 36.16
CA HIS A 95 -23.42 26.08 36.84
C HIS A 95 -22.07 26.41 36.19
N SER A 96 -21.65 27.66 36.35
CA SER A 96 -20.42 28.16 35.75
C SER A 96 -19.95 29.37 36.53
N ILE A 97 -18.67 29.70 36.36
CA ILE A 97 -18.07 30.88 36.97
C ILE A 97 -17.31 31.66 35.90
N ILE A 98 -17.18 32.96 36.12
CA ILE A 98 -16.46 33.85 35.22
C ILE A 98 -15.47 34.67 36.03
N GLU A 99 -14.25 34.79 35.52
CA GLU A 99 -13.18 35.50 36.22
C GLU A 99 -12.15 35.97 35.19
N PRO A 100 -11.71 37.23 35.28
CA PRO A 100 -10.88 37.79 34.21
C PRO A 100 -9.57 37.04 34.01
N GLY A 101 -9.13 37.00 32.75
CA GLY A 101 -8.00 36.18 32.35
C GLY A 101 -6.65 36.83 32.62
N HIS A 102 -5.63 36.27 31.96
CA HIS A 102 -4.26 36.71 32.22
C HIS A 102 -4.04 38.15 31.80
N ASP A 103 -4.58 38.55 30.65
CA ASP A 103 -4.38 39.90 30.12
C ASP A 103 -5.73 40.62 29.99
N LEU A 104 -5.65 41.89 29.62
CA LEU A 104 -6.83 42.74 29.57
C LEU A 104 -7.79 42.39 28.44
N GLN A 105 -7.40 41.52 27.51
CA GLN A 105 -8.25 41.15 26.39
C GLN A 105 -8.70 39.70 26.45
N THR A 106 -8.50 39.01 27.57
CA THR A 106 -8.98 37.64 27.73
C THR A 106 -9.66 37.49 29.09
N SER A 107 -10.50 36.47 29.19
CA SER A 107 -11.19 36.15 30.42
C SER A 107 -11.38 34.64 30.51
N TYR A 108 -11.40 34.13 31.74
CA TYR A 108 -11.54 32.70 31.98
C TYR A 108 -12.94 32.42 32.51
N ALA A 109 -13.65 31.50 31.87
CA ALA A 109 -15.01 31.15 32.23
C ALA A 109 -15.07 29.64 32.47
N PHE A 110 -14.80 29.23 33.71
CA PHE A 110 -14.77 27.80 34.05
C PHE A 110 -16.20 27.28 34.16
N ILE A 111 -16.43 26.07 33.67
CA ILE A 111 -17.77 25.49 33.65
C ILE A 111 -17.68 23.99 33.87
N ARG A 112 -18.66 23.43 34.57
CA ARG A 112 -18.73 21.99 34.78
C ARG A 112 -19.53 21.34 33.67
N ILE A 113 -19.06 20.18 33.20
CA ILE A 113 -19.66 19.51 32.06
C ILE A 113 -19.91 18.05 32.42
N HIS A 114 -20.91 17.47 31.76
CA HIS A 114 -21.23 16.06 31.90
C HIS A 114 -21.76 15.54 30.57
N GLN A 115 -21.97 14.23 30.50
CA GLN A 115 -22.41 13.62 29.25
C GLN A 115 -23.80 14.10 28.85
N ASP A 116 -24.65 14.44 29.81
CA ASP A 116 -26.00 14.88 29.50
C ASP A 116 -25.97 16.13 28.64
N ASN A 117 -25.36 17.20 29.15
CA ASN A 117 -25.18 18.43 28.37
C ASN A 117 -23.81 18.39 27.71
N ALA A 118 -23.75 17.65 26.60
CA ALA A 118 -22.53 17.49 25.83
C ALA A 118 -22.57 18.25 24.51
N LYS A 119 -23.61 18.03 23.72
CA LYS A 119 -23.70 18.59 22.37
C LYS A 119 -24.06 20.08 22.37
N PRO A 120 -25.18 20.50 22.98
CA PRO A 120 -25.68 21.86 22.71
C PRO A 120 -24.73 22.96 23.14
N LEU A 121 -23.99 22.77 24.24
CA LEU A 121 -23.08 23.82 24.69
C LEU A 121 -22.00 24.07 23.64
N PHE A 122 -21.42 22.99 23.10
CA PHE A 122 -20.39 23.15 22.08
C PHE A 122 -20.98 23.63 20.76
N SER A 123 -22.23 23.24 20.46
CA SER A 123 -22.87 23.77 19.26
C SER A 123 -23.04 25.29 19.37
N PHE A 124 -23.48 25.78 20.52
CA PHE A 124 -23.60 27.21 20.71
C PHE A 124 -22.24 27.89 20.68
N LEU A 125 -21.22 27.24 21.24
CA LEU A 125 -19.87 27.79 21.19
C LEU A 125 -19.41 27.98 19.74
N GLN A 126 -19.54 26.93 18.93
CA GLN A 126 -19.08 27.03 17.54
C GLN A 126 -19.94 28.01 16.75
N ASN A 127 -21.21 28.15 17.12
CA ASN A 127 -22.04 29.19 16.51
C ASN A 127 -21.50 30.58 16.84
N LEU A 128 -21.05 30.78 18.08
CA LEU A 128 -20.53 32.08 18.49
C LEU A 128 -19.29 32.45 17.69
N ASP A 129 -18.38 31.49 17.50
CA ASP A 129 -17.20 31.67 16.65
C ASP A 129 -16.31 32.81 17.13
N PHE A 130 -16.31 33.07 18.44
CA PHE A 130 -15.40 34.04 19.04
C PHE A 130 -14.59 33.48 20.19
N ILE A 131 -14.81 32.23 20.58
CA ILE A 131 -14.01 31.61 21.64
C ILE A 131 -12.59 31.42 21.13
N GLU A 132 -11.61 31.82 21.93
CA GLU A 132 -10.22 31.73 21.49
C GLU A 132 -9.70 30.30 21.51
N SER A 133 -10.07 29.53 22.53
CA SER A 133 -9.66 28.14 22.62
C SER A 133 -10.51 27.43 23.66
N ILE A 134 -10.43 26.10 23.66
CA ILE A 134 -11.17 25.25 24.59
C ILE A 134 -10.16 24.36 25.31
N ILE A 135 -10.25 24.31 26.63
CA ILE A 135 -9.32 23.57 27.47
C ILE A 135 -10.10 22.54 28.27
N PRO A 136 -9.96 21.25 27.97
CA PRO A 136 -10.59 20.20 28.79
C PRO A 136 -9.82 19.96 30.09
N TYR A 137 -10.14 20.79 31.09
CA TYR A 137 -9.33 20.84 32.30
C TYR A 137 -9.39 19.54 33.09
N HIS A 138 -8.29 19.22 33.76
CA HIS A 138 -8.21 18.08 34.66
C HIS A 138 -8.61 18.55 36.05
N ASP A 139 -9.58 17.88 36.65
CA ASP A 139 -10.03 18.22 38.00
C ASP A 139 -9.05 17.64 39.03
N THR A 140 -9.44 17.67 40.31
CA THR A 140 -8.55 17.16 41.35
C THR A 140 -8.42 15.65 41.28
N GLU A 141 -9.52 14.94 40.98
CA GLU A 141 -9.48 13.48 40.94
C GLU A 141 -8.60 12.99 39.80
N LEU A 142 -8.82 13.51 38.59
CA LEU A 142 -8.00 13.11 37.44
C LEU A 142 -6.54 13.50 37.65
N SER A 143 -6.29 14.69 38.17
CA SER A 143 -4.92 15.11 38.43
C SER A 143 -4.25 14.21 39.46
N ASP A 144 -4.99 13.80 40.49
CA ASP A 144 -4.44 12.87 41.47
C ASP A 144 -4.12 11.53 40.84
N ASP A 145 -4.99 11.03 39.97
CA ASP A 145 -4.71 9.77 39.28
C ASP A 145 -3.46 9.89 38.41
N LEU A 146 -3.33 11.00 37.70
CA LEU A 146 -2.14 11.22 36.87
C LEU A 146 -0.88 11.31 37.74
N HIS A 147 -0.98 11.99 38.87
CA HIS A 147 0.15 12.08 39.79
C HIS A 147 0.56 10.70 40.29
N LYS A 148 -0.42 9.86 40.64
CA LYS A 148 -0.11 8.51 41.08
C LYS A 148 0.56 7.71 39.97
N LEU A 149 0.06 7.83 38.74
CA LEU A 149 0.67 7.12 37.63
C LEU A 149 2.10 7.57 37.39
N ILE A 150 2.34 8.88 37.45
CA ILE A 150 3.69 9.39 37.24
C ILE A 150 4.62 8.96 38.36
N SER A 151 4.12 8.93 39.60
CA SER A 151 4.93 8.46 40.72
C SER A 151 5.28 6.98 40.55
N ILE A 152 4.33 6.18 40.07
CA ILE A 152 4.61 4.77 39.81
C ILE A 152 5.66 4.64 38.71
N SER A 153 5.54 5.43 37.64
CA SER A 153 6.50 5.37 36.55
C SER A 153 7.89 5.77 37.01
N LYS A 154 7.99 6.77 37.88
CA LYS A 154 9.29 7.28 38.32
C LYS A 154 10.06 6.23 39.10
N SER A 155 9.38 5.31 39.78
CA SER A 155 10.07 4.32 40.60
C SER A 155 10.73 3.28 39.71
N LYS A 156 12.05 3.16 39.85
CA LYS A 156 12.86 2.16 39.14
C LYS A 156 12.64 2.26 37.62
N ILE A 157 13.06 3.40 37.07
CA ILE A 157 12.95 3.64 35.63
C ILE A 157 13.88 2.75 34.82
N LEU A 158 14.77 2.00 35.47
CA LEU A 158 15.69 1.13 34.74
C LEU A 158 14.94 0.05 33.97
N GLU A 159 13.88 -0.50 34.56
CA GLU A 159 13.10 -1.54 33.89
C GLU A 159 12.43 -0.98 32.64
N ALA A 160 12.25 -1.85 31.66
CA ALA A 160 11.56 -1.45 30.44
C ALA A 160 10.12 -1.08 30.76
N PRO A 161 9.60 0.01 30.18
CA PRO A 161 8.20 0.38 30.43
C PRO A 161 7.26 -0.74 30.01
N LYS A 162 6.21 -0.94 30.79
CA LYS A 162 5.30 -2.06 30.61
C LYS A 162 3.98 -1.59 30.01
N GLN A 163 3.31 -2.52 29.33
CA GLN A 163 2.09 -2.18 28.59
C GLN A 163 0.94 -1.84 29.52
N TYR A 164 0.96 -2.33 30.76
CA TYR A 164 -0.14 -2.02 31.68
C TYR A 164 -0.12 -0.55 32.08
N GLU A 165 1.08 0.02 32.27
CA GLU A 165 1.18 1.46 32.52
C GLU A 165 0.67 2.27 31.33
N LEU A 166 1.01 1.82 30.12
CA LEU A 166 0.52 2.48 28.92
C LEU A 166 -1.00 2.41 28.83
N TYR A 167 -1.58 1.25 29.14
CA TYR A 167 -3.03 1.12 29.12
C TYR A 167 -3.69 2.01 30.17
N ASN A 168 -3.09 2.09 31.36
CA ASN A 168 -3.63 2.96 32.40
C ASN A 168 -3.60 4.42 31.96
N LEU A 169 -2.50 4.85 31.35
CA LEU A 169 -2.43 6.23 30.87
C LEU A 169 -3.45 6.49 29.77
N SER A 170 -3.58 5.57 28.83
CA SER A 170 -4.51 5.75 27.72
C SER A 170 -5.95 5.79 28.22
N ASN A 171 -6.27 4.99 29.24
CA ASN A 171 -7.60 5.04 29.83
C ASN A 171 -7.81 6.32 30.63
N LEU A 172 -6.76 6.84 31.27
CA LEU A 172 -6.90 8.04 32.07
C LEU A 172 -7.14 9.27 31.20
N THR A 173 -6.36 9.43 30.13
CA THR A 173 -6.46 10.65 29.32
C THR A 173 -7.35 10.50 28.10
N ASN A 174 -7.49 9.29 27.55
CA ASN A 174 -8.26 9.05 26.34
C ASN A 174 -7.79 9.97 25.21
N ASN A 175 -6.48 10.17 25.12
CA ASN A 175 -5.90 11.00 24.09
C ASN A 175 -5.25 10.11 23.05
N PRO A 176 -5.80 10.01 21.84
CA PRO A 176 -5.18 9.16 20.82
C PRO A 176 -3.74 9.50 20.51
N LYS A 177 -3.40 10.78 20.44
CA LYS A 177 -2.05 11.16 20.03
C LYS A 177 -1.02 10.81 21.10
N GLN A 178 -1.32 11.12 22.36
CA GLN A 178 -0.41 10.76 23.44
C GLN A 178 -0.21 9.26 23.50
N SER A 179 -1.31 8.50 23.40
CA SER A 179 -1.21 7.04 23.48
C SER A 179 -0.38 6.49 22.32
N LEU A 180 -0.60 7.00 21.12
CA LEU A 180 0.15 6.51 19.96
C LEU A 180 1.63 6.79 20.10
N TYR A 181 1.99 8.03 20.45
CA TYR A 181 3.41 8.37 20.57
C TYR A 181 4.07 7.57 21.69
N PHE A 182 3.39 7.44 22.84
CA PHE A 182 3.99 6.73 23.96
C PHE A 182 4.14 5.24 23.64
N ALA A 183 3.18 4.68 22.91
CA ALA A 183 3.31 3.29 22.47
C ALA A 183 4.52 3.12 21.56
N PHE A 184 4.69 4.05 20.61
CA PHE A 184 5.84 3.96 19.73
C PHE A 184 7.15 4.05 20.52
N LEU A 185 7.22 4.96 21.49
CA LEU A 185 8.46 5.10 22.26
C LEU A 185 8.74 3.86 23.10
N GLN A 186 7.70 3.31 23.74
CA GLN A 186 7.92 2.10 24.54
C GLN A 186 8.36 0.93 23.66
N ASN A 187 7.75 0.78 22.49
CA ASN A 187 8.16 -0.28 21.57
C ASN A 187 9.60 -0.06 21.11
N TYR A 188 9.98 1.20 20.84
CA TYR A 188 11.34 1.47 20.42
C TYR A 188 12.35 1.10 21.49
N ILE A 189 12.05 1.44 22.75
CA ILE A 189 12.97 1.08 23.84
C ILE A 189 13.06 -0.43 23.99
N LYS A 190 11.91 -1.12 23.93
CA LYS A 190 11.91 -2.57 24.09
C LYS A 190 12.70 -3.25 22.99
N TRP A 191 12.56 -2.80 21.75
CA TRP A 191 13.32 -3.38 20.66
C TRP A 191 14.76 -2.90 20.64
N LEU A 192 15.07 -1.79 21.31
CA LEU A 192 16.44 -1.31 21.36
C LEU A 192 17.28 -2.01 22.41
N ILE A 193 16.65 -2.59 23.44
CA ILE A 193 17.40 -3.34 24.44
C ILE A 193 18.26 -4.45 23.82
N PRO A 194 17.72 -5.34 22.97
CA PRO A 194 18.56 -6.45 22.48
C PRO A 194 19.67 -6.00 21.52
N PHE A 195 19.40 -5.02 20.66
CA PHE A 195 20.45 -4.56 19.75
C PHE A 195 21.60 -3.92 20.51
N SER A 196 21.28 -3.14 21.54
CA SER A 196 22.33 -2.56 22.38
C SER A 196 23.10 -3.65 23.11
N PHE A 197 22.40 -4.69 23.56
CA PHE A 197 23.09 -5.81 24.20
C PHE A 197 24.06 -6.47 23.24
N PHE A 198 23.64 -6.68 21.99
CA PHE A 198 24.55 -7.27 21.00
C PHE A 198 25.74 -6.36 20.74
N GLY A 199 25.50 -5.04 20.67
CA GLY A 199 26.61 -4.12 20.49
C GLY A 199 27.63 -4.22 21.62
N LEU A 200 27.14 -4.26 22.86
CA LEU A 200 28.04 -4.40 24.00
C LEU A 200 28.80 -5.72 23.93
N SER A 201 28.12 -6.80 23.56
CA SER A 201 28.78 -8.10 23.45
C SER A 201 29.87 -8.08 22.38
N ILE A 202 29.59 -7.47 21.24
CA ILE A 202 30.57 -7.45 20.16
C ILE A 202 31.74 -6.55 20.50
N ARG A 203 31.50 -5.51 21.30
CA ARG A 203 32.61 -4.66 21.72
C ARG A 203 33.49 -5.37 22.74
N PHE A 204 32.87 -6.05 23.71
CA PHE A 204 33.66 -6.70 24.76
C PHE A 204 34.40 -7.92 24.23
N LEU A 205 33.74 -8.74 23.40
CA LEU A 205 34.35 -9.98 22.94
C LEU A 205 35.55 -9.72 22.03
N SER A 206 35.39 -8.86 21.03
CA SER A 206 36.48 -8.57 20.10
C SER A 206 37.16 -7.26 20.46
N SER A 214 30.93 -9.15 10.29
CA SER A 214 29.89 -9.54 9.35
C SER A 214 28.61 -9.92 10.08
N THR A 215 28.78 -10.64 11.19
CA THR A 215 27.62 -11.01 11.99
C THR A 215 26.90 -9.78 12.51
N TYR A 216 27.65 -8.77 12.94
CA TYR A 216 27.02 -7.54 13.40
C TYR A 216 26.26 -6.85 12.29
N SER A 217 26.83 -6.82 11.09
CA SER A 217 26.14 -6.17 9.97
C SER A 217 24.83 -6.89 9.65
N LEU A 218 24.87 -8.22 9.59
CA LEU A 218 23.64 -8.96 9.28
C LEU A 218 22.61 -8.80 10.38
N PHE A 219 23.06 -8.79 11.64
CA PHE A 219 22.13 -8.58 12.74
C PHE A 219 21.49 -7.21 12.68
N ALA A 220 22.28 -6.19 12.34
CA ALA A 220 21.72 -4.85 12.21
C ALA A 220 20.68 -4.79 11.11
N ILE A 221 20.98 -5.41 9.96
CA ILE A 221 20.02 -5.44 8.85
C ILE A 221 18.72 -6.09 9.29
N LEU A 222 18.84 -7.28 9.87
CA LEU A 222 17.64 -8.03 10.26
C LEU A 222 16.84 -7.30 11.32
N TRP A 223 17.52 -6.72 12.31
CA TRP A 223 16.81 -6.01 13.37
C TRP A 223 16.08 -4.80 12.80
N THR A 224 16.74 -4.03 11.93
CA THR A 224 16.09 -2.85 11.37
C THR A 224 14.85 -3.23 10.59
N LEU A 225 14.98 -4.21 9.69
CA LEU A 225 13.83 -4.59 8.87
C LEU A 225 12.72 -5.18 9.71
N SER A 226 13.06 -6.02 10.70
CA SER A 226 12.05 -6.63 11.54
C SER A 226 11.31 -5.60 12.38
N PHE A 227 12.04 -4.65 12.96
CA PHE A 227 11.39 -3.61 13.76
C PHE A 227 10.47 -2.76 12.89
N THR A 228 10.93 -2.40 11.68
CA THR A 228 10.08 -1.62 10.80
C THR A 228 8.80 -2.37 10.46
N ALA A 229 8.92 -3.64 10.08
CA ALA A 229 7.74 -4.41 9.72
C ALA A 229 6.80 -4.56 10.91
N PHE A 230 7.35 -4.87 12.09
CA PHE A 230 6.51 -5.09 13.26
C PHE A 230 5.76 -3.83 13.64
N TRP A 231 6.45 -2.69 13.67
CA TRP A 231 5.77 -1.45 14.04
C TRP A 231 4.75 -1.05 13.00
N LEU A 232 5.06 -1.26 11.70
CA LEU A 232 4.12 -0.82 10.68
C LEU A 232 2.86 -1.68 10.63
N TYR A 233 2.99 -2.99 10.82
CA TYR A 233 1.88 -3.89 10.50
C TYR A 233 1.44 -4.79 11.64
N LYS A 234 1.93 -4.59 12.86
CA LYS A 234 1.50 -5.46 13.94
C LYS A 234 0.94 -4.71 15.14
N TYR A 235 1.54 -3.58 15.52
CA TYR A 235 1.12 -2.81 16.68
C TYR A 235 0.40 -1.53 16.30
N GLU A 236 0.84 -0.86 15.24
CA GLU A 236 0.23 0.38 14.78
C GLU A 236 -1.23 0.20 14.41
N PRO A 237 -1.63 -0.86 13.69
CA PRO A 237 -3.07 -1.02 13.43
C PRO A 237 -3.90 -1.19 14.69
N PHE A 238 -3.43 -1.97 15.66
CA PHE A 238 -4.18 -2.15 16.89
C PHE A 238 -4.29 -0.83 17.65
N TRP A 239 -3.19 -0.08 17.72
CA TRP A 239 -3.22 1.19 18.45
C TRP A 239 -4.10 2.20 17.75
N SER A 240 -4.06 2.23 16.41
CA SER A 240 -4.93 3.13 15.67
C SER A 240 -6.41 2.79 15.90
N ASP A 241 -6.74 1.49 15.87
CA ASP A 241 -8.12 1.09 16.13
C ASP A 241 -8.54 1.46 17.54
N ARG A 242 -7.67 1.22 18.53
CA ARG A 242 -8.00 1.56 19.91
C ARG A 242 -8.19 3.06 20.09
N LEU A 243 -7.36 3.88 19.45
CA LEU A 243 -7.47 5.32 19.61
C LEU A 243 -8.66 5.90 18.84
N SER A 244 -8.99 5.33 17.68
CA SER A 244 -10.15 5.80 16.93
C SER A 244 -11.46 5.26 17.48
N LYS A 245 -11.41 4.20 18.30
CA LYS A 245 -12.61 3.79 19.02
C LYS A 245 -13.05 4.84 20.02
N TYR A 246 -12.11 5.45 20.74
CA TYR A 246 -12.43 6.62 21.56
C TYR A 246 -12.90 7.77 20.68
N SER A 247 -12.00 8.28 19.83
CA SER A 247 -12.28 9.37 18.90
C SER A 247 -13.13 10.45 19.55
N SER A 248 -12.79 10.81 20.78
CA SER A 248 -13.61 11.71 21.57
C SER A 248 -13.54 13.12 20.98
N PHE A 249 -14.21 14.06 21.65
CA PHE A 249 -14.19 15.44 21.19
C PHE A 249 -12.76 15.95 21.12
N SER A 250 -12.38 16.45 19.94
CA SER A 250 -11.04 16.96 19.70
C SER A 250 -11.15 18.47 19.54
N THR A 251 -10.78 19.21 20.59
CA THR A 251 -10.83 20.66 20.53
C THR A 251 -9.90 21.22 19.46
N ILE A 252 -8.92 20.44 19.00
CA ILE A 252 -8.01 20.91 17.97
C ILE A 252 -8.74 21.08 16.64
N GLU A 253 -9.51 20.07 16.24
CA GLU A 253 -10.24 20.18 14.98
C GLU A 253 -11.46 21.08 15.11
N PHE A 254 -12.04 21.15 16.31
CA PHE A 254 -13.17 22.03 16.56
C PHE A 254 -12.72 23.49 16.50
N LEU A 255 -13.71 24.39 16.55
CA LEU A 255 -13.48 25.83 16.52
C LEU A 255 -12.78 26.26 15.23
N VAL A 268 -4.79 19.23 -7.85
CA VAL A 268 -4.33 20.61 -7.70
C VAL A 268 -3.23 20.66 -6.65
N ILE A 269 -3.18 19.65 -5.79
CA ILE A 269 -2.23 19.60 -4.68
C ILE A 269 -0.82 19.53 -5.23
N MET A 270 -0.66 18.92 -6.41
CA MET A 270 0.67 18.73 -6.98
C MET A 270 1.31 20.05 -7.38
N LEU A 271 0.51 21.12 -7.49
CA LEU A 271 1.00 22.39 -8.00
C LEU A 271 2.12 22.96 -7.13
N LYS A 272 1.82 23.30 -5.88
CA LYS A 272 2.81 23.93 -5.03
C LYS A 272 3.75 22.91 -4.41
N LYS A 273 3.24 21.71 -4.12
CA LYS A 273 4.06 20.72 -3.42
C LYS A 273 5.20 20.21 -4.28
N CYS A 274 5.00 20.08 -5.60
CA CYS A 274 6.07 19.66 -6.48
C CYS A 274 7.13 20.75 -6.64
N CYS A 275 6.70 22.00 -6.62
CA CYS A 275 7.63 23.12 -6.74
C CYS A 275 8.52 23.29 -5.52
N PHE A 276 8.18 22.65 -4.40
CA PHE A 276 9.01 22.77 -3.21
C PHE A 276 10.30 21.95 -3.31
N ILE A 277 10.25 20.81 -4.00
CA ILE A 277 11.46 19.99 -4.13
C ILE A 277 12.62 20.76 -4.77
N PRO A 278 12.45 21.45 -5.90
CA PRO A 278 13.61 22.15 -6.47
C PRO A 278 14.16 23.24 -5.58
N VAL A 279 13.30 23.98 -4.86
CA VAL A 279 13.81 25.04 -4.01
C VAL A 279 14.40 24.47 -2.73
N ALA A 280 13.87 23.33 -2.25
CA ALA A 280 14.49 22.65 -1.14
C ALA A 280 15.86 22.11 -1.51
N LEU A 281 16.01 21.61 -2.74
CA LEU A 281 17.32 21.21 -3.22
C LEU A 281 18.23 22.43 -3.40
N LEU A 282 17.67 23.54 -3.87
CA LEU A 282 18.46 24.74 -4.09
C LEU A 282 19.09 25.22 -2.79
N PHE A 283 18.27 25.40 -1.75
CA PHE A 283 18.83 25.75 -0.45
C PHE A 283 19.59 24.59 0.17
N GLY A 284 19.14 23.37 -0.10
CA GLY A 284 19.76 22.21 0.54
C GLY A 284 21.24 22.11 0.23
N ALA A 285 21.62 22.38 -1.02
CA ALA A 285 23.03 22.44 -1.37
C ALA A 285 23.71 23.69 -0.83
N ILE A 286 22.94 24.75 -0.55
CA ILE A 286 23.55 25.99 -0.06
C ILE A 286 24.11 25.78 1.34
N LEU A 287 23.32 25.20 2.24
CA LEU A 287 23.84 24.93 3.58
C LEU A 287 24.63 23.63 3.64
N LEU A 288 24.48 22.77 2.63
CA LEU A 288 25.40 21.64 2.49
C LEU A 288 26.82 22.14 2.23
N SER A 289 26.96 23.13 1.36
CA SER A 289 28.27 23.74 1.13
C SER A 289 28.63 24.70 2.25
N PHE A 290 27.65 25.38 2.83
CA PHE A 290 27.91 26.33 3.91
C PHE A 290 28.50 25.63 5.12
N GLN A 291 27.98 24.45 5.47
CA GLN A 291 28.54 23.69 6.58
C GLN A 291 29.97 23.27 6.27
N LEU A 292 30.24 22.87 5.02
CA LEU A 292 31.60 22.51 4.64
C LEU A 292 32.53 23.71 4.70
N TYR A 293 32.08 24.86 4.18
CA TYR A 293 32.92 26.03 4.14
C TYR A 293 33.26 26.53 5.54
N CYS A 294 32.25 26.60 6.41
CA CYS A 294 32.50 27.02 7.78
C CYS A 294 33.32 25.99 8.54
N PHE A 295 33.24 24.72 8.14
CA PHE A 295 34.06 23.68 8.77
C PHE A 295 35.53 23.96 8.55
N ALA A 296 35.91 24.35 7.33
CA ALA A 296 37.30 24.69 7.06
C ALA A 296 37.74 25.94 7.81
N LEU A 297 36.80 26.82 8.17
CA LEU A 297 37.16 28.02 8.93
C LEU A 297 37.74 27.66 10.29
N GLU A 298 37.16 26.65 10.95
CA GLU A 298 37.70 26.22 12.24
C GLU A 298 39.10 25.65 12.09
N ILE A 299 39.33 24.89 11.03
CA ILE A 299 40.67 24.35 10.79
C ILE A 299 41.68 25.49 10.58
N PHE A 300 41.29 26.50 9.79
CA PHE A 300 42.17 27.64 9.56
C PHE A 300 42.46 28.39 10.85
N ILE A 301 41.42 28.54 11.68
CA ILE A 301 41.62 29.23 13.00
C ILE A 301 42.65 28.43 13.80
N PHE A 315 37.46 27.22 18.76
CA PHE A 315 36.51 26.39 19.50
C PHE A 315 35.15 27.06 19.55
N LEU A 316 35.14 28.39 19.69
CA LEU A 316 33.89 29.15 19.61
C LEU A 316 33.18 28.97 18.28
N PRO A 317 33.85 28.98 17.11
CA PRO A 317 33.12 28.79 15.85
C PRO A 317 32.34 27.50 15.77
N THR A 318 32.73 26.47 16.54
CA THR A 318 31.91 25.27 16.66
C THR A 318 30.48 25.64 17.06
N ILE A 319 30.33 26.25 18.23
CA ILE A 319 29.01 26.65 18.71
C ILE A 319 28.39 27.66 17.75
N LEU A 320 29.20 28.57 17.21
CA LEU A 320 28.69 29.59 16.31
C LEU A 320 27.97 28.96 15.12
N ILE A 321 28.63 28.03 14.43
CA ILE A 321 28.03 27.43 13.23
C ILE A 321 26.90 26.49 13.61
N CYS A 322 27.05 25.74 14.70
CA CYS A 322 26.00 24.80 15.08
C CYS A 322 24.76 25.49 15.62
N THR A 323 24.85 26.79 15.94
CA THR A 323 23.67 27.57 16.26
C THR A 323 23.18 28.42 15.09
N PHE A 324 24.06 28.79 14.17
CA PHE A 324 23.64 29.58 13.02
C PHE A 324 22.90 28.74 11.99
N THR A 325 23.33 27.49 11.77
CA THR A 325 22.65 26.64 10.80
C THR A 325 21.18 26.38 11.16
N PRO A 326 20.83 26.00 12.40
CA PRO A 326 19.39 25.87 12.70
C PRO A 326 18.63 27.17 12.58
N VAL A 327 19.24 28.31 12.93
CA VAL A 327 18.59 29.59 12.74
C VAL A 327 18.34 29.83 11.26
N LEU A 328 19.33 29.50 10.42
CA LEU A 328 19.18 29.69 8.98
C LEU A 328 18.05 28.85 8.42
N THR A 329 17.98 27.57 8.82
CA THR A 329 16.90 26.74 8.32
C THR A 329 15.54 27.20 8.85
N VAL A 330 15.49 27.68 10.09
CA VAL A 330 14.23 28.17 10.65
C VAL A 330 13.74 29.39 9.89
N ILE A 331 14.63 30.35 9.64
CA ILE A 331 14.21 31.55 8.92
C ILE A 331 13.86 31.22 7.49
N TYR A 332 14.58 30.26 6.87
CA TYR A 332 14.24 29.88 5.51
C TYR A 332 12.85 29.25 5.44
N ASN A 333 12.53 28.35 6.36
CA ASN A 333 11.21 27.74 6.34
C ASN A 333 10.12 28.73 6.77
N LYS A 334 10.48 29.77 7.53
CA LYS A 334 9.50 30.79 7.86
C LYS A 334 9.19 31.67 6.66
N TYR A 335 10.19 31.97 5.85
CA TYR A 335 9.96 32.82 4.68
C TYR A 335 9.58 32.04 3.43
N PHE A 336 9.66 30.71 3.44
CA PHE A 336 9.34 29.90 2.28
C PHE A 336 8.21 28.92 2.53
N VAL A 337 8.30 28.10 3.58
CA VAL A 337 7.37 26.98 3.73
C VAL A 337 5.94 27.49 3.95
N GLU A 338 5.77 28.41 4.89
CA GLU A 338 4.40 28.84 5.19
C GLU A 338 3.78 29.67 4.07
N PRO A 339 4.55 30.45 3.27
CA PRO A 339 3.94 30.98 2.04
C PRO A 339 3.41 29.91 1.10
N MET A 340 4.15 28.82 0.89
CA MET A 340 3.65 27.76 0.03
C MET A 340 2.42 27.10 0.61
N THR A 341 2.41 26.88 1.93
CA THR A 341 1.23 26.30 2.56
C THR A 341 0.02 27.22 2.44
N LYS A 342 0.22 28.52 2.64
CA LYS A 342 -0.88 29.47 2.53
C LYS A 342 -1.43 29.53 1.11
N TRP A 343 -0.53 29.56 0.12
CA TRP A 343 -0.99 29.71 -1.26
C TRP A 343 -1.47 28.39 -1.86
N GLU A 344 -1.16 27.27 -1.21
CA GLU A 344 -1.83 26.02 -1.53
C GLU A 344 -3.23 25.95 -0.93
N ASN A 345 -3.49 26.75 0.11
CA ASN A 345 -4.77 26.97 0.77
C ASN A 345 -5.66 25.72 0.83
N HIS A 346 -5.10 24.61 1.31
CA HIS A 346 -5.88 23.40 1.50
C HIS A 346 -6.98 23.64 2.54
N SER A 347 -8.13 22.99 2.32
CA SER A 347 -9.29 23.25 3.16
C SER A 347 -9.05 22.83 4.61
N SER A 348 -8.60 21.59 4.83
CA SER A 348 -8.41 21.07 6.17
C SER A 348 -7.15 21.65 6.81
N VAL A 349 -7.13 21.66 8.14
CA VAL A 349 -6.00 22.24 8.84
C VAL A 349 -5.00 21.15 9.26
N VAL A 350 -5.50 19.95 9.56
CA VAL A 350 -4.61 18.88 10.00
C VAL A 350 -3.66 18.49 8.88
N ASN A 351 -4.17 18.34 7.66
CA ASN A 351 -3.30 18.02 6.54
C ASN A 351 -2.43 19.21 6.12
N ALA A 352 -2.88 20.44 6.38
CA ALA A 352 -1.99 21.58 6.18
C ALA A 352 -0.80 21.51 7.12
N LYS A 353 -1.04 21.18 8.39
CA LYS A 353 0.06 21.02 9.33
C LYS A 353 0.96 19.87 8.93
N LYS A 354 0.39 18.75 8.47
CA LYS A 354 1.21 17.62 8.07
C LYS A 354 2.06 17.96 6.84
N SER A 355 1.52 18.72 5.90
CA SER A 355 2.31 19.16 4.75
C SER A 355 3.41 20.12 5.18
N LYS A 356 3.12 21.00 6.14
CA LYS A 356 4.14 21.91 6.65
C LYS A 356 5.29 21.13 7.27
N GLU A 357 4.97 20.10 8.07
CA GLU A 357 6.02 19.29 8.67
C GLU A 357 6.73 18.42 7.65
N ALA A 358 6.04 18.04 6.58
CA ALA A 358 6.71 17.34 5.49
C ALA A 358 7.73 18.24 4.81
N LYS A 359 7.36 19.49 4.56
CA LYS A 359 8.30 20.41 3.92
C LYS A 359 9.51 20.67 4.81
N ASN A 360 9.29 20.85 6.11
CA ASN A 360 10.39 21.06 7.04
C ASN A 360 11.25 19.81 7.17
N PHE A 361 10.69 18.64 6.87
CA PHE A 361 11.45 17.41 7.01
C PHE A 361 12.44 17.22 5.86
N VAL A 362 12.10 17.71 4.67
CA VAL A 362 12.96 17.50 3.51
C VAL A 362 14.27 18.26 3.67
N ILE A 363 14.20 19.51 4.12
CA ILE A 363 15.40 20.31 4.31
C ILE A 363 16.30 19.68 5.35
N ILE A 364 15.74 19.32 6.49
CA ILE A 364 16.55 18.75 7.58
C ILE A 364 17.08 17.38 7.18
N PHE A 365 16.29 16.60 6.45
CA PHE A 365 16.77 15.29 6.00
C PHE A 365 17.99 15.44 5.12
N LEU A 366 17.92 16.34 4.13
CA LEU A 366 19.07 16.53 3.24
C LEU A 366 20.26 17.05 4.02
N SER A 367 20.08 18.12 4.79
CA SER A 367 21.20 18.76 5.48
C SER A 367 21.71 17.94 6.66
N SER A 368 21.01 16.88 7.06
CA SER A 368 21.42 16.06 8.18
C SER A 368 21.88 14.67 7.79
N TYR A 369 21.56 14.21 6.58
CA TYR A 369 22.00 12.89 6.11
C TYR A 369 22.92 12.97 4.92
N VAL A 370 22.59 13.80 3.92
CA VAL A 370 23.41 13.85 2.70
C VAL A 370 24.86 14.18 2.99
N PRO A 371 25.20 15.17 3.82
CA PRO A 371 26.62 15.35 4.17
C PRO A 371 27.22 14.14 4.85
N LEU A 372 26.44 13.44 5.68
CA LEU A 372 26.96 12.27 6.39
C LEU A 372 27.35 11.17 5.43
N LEU A 373 26.45 10.82 4.50
CA LEU A 373 26.78 9.78 3.52
C LEU A 373 27.94 10.19 2.63
N ILE A 374 27.96 11.46 2.19
CA ILE A 374 29.02 11.93 1.32
C ILE A 374 30.37 11.83 2.03
N THR A 375 30.44 12.28 3.28
CA THR A 375 31.69 12.20 4.01
C THR A 375 32.09 10.75 4.29
N LEU A 376 31.11 9.91 4.63
CA LEU A 376 31.42 8.52 4.95
C LEU A 376 31.90 7.76 3.72
N PHE A 377 31.48 8.18 2.54
CA PHE A 377 31.94 7.56 1.31
C PHE A 377 33.16 8.23 0.71
N LEU A 378 33.51 9.45 1.14
CA LEU A 378 34.61 10.18 0.53
C LEU A 378 35.76 10.50 1.47
N TYR A 379 35.76 10.00 2.71
CA TYR A 379 36.88 10.33 3.58
C TYR A 379 38.14 9.58 3.17
N LEU A 380 38.03 8.27 2.91
CA LEU A 380 39.19 7.53 2.43
C LEU A 380 39.44 7.70 0.93
N PRO A 381 38.46 7.52 0.04
CA PRO A 381 38.78 7.53 -1.40
C PRO A 381 39.33 8.86 -1.91
N MET A 382 39.04 9.97 -1.22
CA MET A 382 39.56 11.25 -1.69
C MET A 382 41.08 11.32 -1.60
N GLY A 383 41.66 10.59 -0.65
CA GLY A 383 43.11 10.60 -0.52
C GLY A 383 43.82 10.03 -1.73
N HIS A 384 43.33 8.89 -2.23
CA HIS A 384 43.88 8.32 -3.44
C HIS A 384 43.47 9.08 -4.70
N LEU A 385 42.52 10.00 -4.59
CA LEU A 385 42.14 10.88 -5.68
C LEU A 385 43.03 12.10 -5.75
N LEU A 386 44.00 12.23 -4.84
CA LEU A 386 44.96 13.34 -4.82
C LEU A 386 44.25 14.69 -4.69
N THR A 387 43.62 14.87 -3.54
CA THR A 387 42.94 16.13 -3.25
C THR A 387 43.89 17.31 -3.33
N ALA A 388 43.40 18.42 -3.86
CA ALA A 388 44.19 19.63 -4.05
C ALA A 388 45.44 19.38 -4.89
N ILE A 412 48.93 16.06 3.89
CA ILE A 412 48.20 17.11 4.56
C ILE A 412 46.85 16.57 5.05
N ILE A 413 46.54 15.34 4.64
CA ILE A 413 45.28 14.73 5.07
C ILE A 413 45.31 14.51 6.57
N ASP A 414 44.17 14.71 7.22
CA ASP A 414 44.05 14.56 8.66
C ASP A 414 42.81 13.73 8.98
N THR A 415 42.67 13.40 10.27
CA THR A 415 41.52 12.63 10.71
C THR A 415 40.35 13.54 11.09
N LYS A 416 40.64 14.80 11.43
CA LYS A 416 39.61 15.71 11.90
C LYS A 416 38.61 16.10 10.81
N ARG A 417 38.96 15.90 9.53
CA ARG A 417 38.02 16.25 8.48
C ARG A 417 36.78 15.38 8.51
N TYR A 418 36.88 14.18 9.11
CA TYR A 418 35.72 13.32 9.31
C TYR A 418 35.27 13.28 10.76
N GLU A 419 36.20 13.21 11.72
CA GLU A 419 35.82 13.14 13.12
C GLU A 419 35.11 14.42 13.57
N ASP A 420 35.70 15.58 13.28
CA ASP A 420 35.07 16.83 13.67
C ASP A 420 33.78 17.06 12.90
N GLN A 421 33.72 16.66 11.62
CA GLN A 421 32.48 16.78 10.86
C GLN A 421 31.38 15.93 11.49
N PHE A 422 31.71 14.70 11.90
CA PHE A 422 30.76 13.84 12.59
C PHE A 422 30.31 14.49 13.89
N PHE A 423 31.24 15.07 14.65
CA PHE A 423 30.87 15.73 15.89
C PHE A 423 29.92 16.89 15.62
N TYR A 424 30.20 17.69 14.58
CA TYR A 424 29.36 18.81 14.23
C TYR A 424 27.94 18.35 13.89
N PHE A 425 27.84 17.29 13.10
CA PHE A 425 26.53 16.86 12.63
C PHE A 425 25.74 16.15 13.72
N ILE A 426 26.42 15.40 14.60
CA ILE A 426 25.74 14.77 15.71
C ILE A 426 25.25 15.81 16.72
N VAL A 427 26.11 16.77 17.06
CA VAL A 427 25.77 17.72 18.12
C VAL A 427 24.57 18.58 17.74
N ILE A 428 24.32 18.74 16.44
CA ILE A 428 23.15 19.52 16.01
C ILE A 428 21.86 18.82 16.43
N ASN A 429 21.80 17.51 16.26
CA ASN A 429 20.59 16.78 16.65
C ASN A 429 20.35 16.88 18.15
N GLN A 430 21.41 16.78 18.96
CA GLN A 430 21.25 16.94 20.40
C GLN A 430 20.92 18.38 20.77
N LEU A 431 21.16 19.34 19.88
CA LEU A 431 20.69 20.70 20.12
C LEU A 431 19.19 20.81 19.91
N ILE A 432 18.66 20.06 18.95
CA ILE A 432 17.21 19.95 18.80
C ILE A 432 16.60 19.27 20.02
N GLN A 433 17.25 18.21 20.50
CA GLN A 433 16.76 17.51 21.69
C GLN A 433 16.79 18.43 22.91
N PHE A 434 17.87 19.20 23.06
CA PHE A 434 17.98 20.10 24.21
C PHE A 434 16.89 21.17 24.17
N SER A 435 16.64 21.74 22.99
CA SER A 435 15.60 22.77 22.88
C SER A 435 14.21 22.18 23.17
N MET A 436 13.96 20.97 22.69
CA MET A 436 12.66 20.34 22.92
C MET A 436 12.44 19.95 24.37
N GLU A 437 13.52 19.73 25.12
CA GLU A 437 13.40 19.41 26.54
C GLU A 437 13.61 20.64 27.40
N SER A 463 -2.27 41.71 40.30
CA SER A 463 -3.49 42.49 40.45
C SER A 463 -4.72 41.60 40.30
N GLU A 464 -4.65 40.67 39.34
CA GLU A 464 -5.79 39.78 39.09
C GLU A 464 -6.11 38.93 40.30
N ILE A 465 -5.08 38.39 40.96
CA ILE A 465 -5.31 37.54 42.14
C ILE A 465 -5.97 38.36 43.25
N GLY A 466 -5.47 39.57 43.50
CA GLY A 466 -6.02 40.39 44.57
C GLY A 466 -7.44 40.84 44.31
N LYS A 467 -7.74 41.20 43.05
CA LYS A 467 -9.07 41.70 42.73
C LYS A 467 -10.14 40.63 42.93
N ALA A 468 -9.83 39.40 42.55
CA ALA A 468 -10.79 38.30 42.65
C ALA A 468 -10.76 37.59 43.99
N GLN A 469 -9.82 37.95 44.87
CA GLN A 469 -9.68 37.32 46.19
C GLN A 469 -9.58 35.80 46.07
N LEU A 470 -8.77 35.35 45.12
CA LEU A 470 -8.64 33.92 44.85
C LEU A 470 -7.92 33.23 46.01
N SER A 471 -8.39 32.04 46.36
CA SER A 471 -7.73 31.23 47.36
C SER A 471 -6.44 30.64 46.79
N SER A 472 -5.72 29.89 47.63
CA SER A 472 -4.48 29.27 47.19
C SER A 472 -4.73 28.29 46.05
N SER A 473 -5.72 27.42 46.21
CA SER A 473 -6.06 26.48 45.14
C SER A 473 -6.61 27.20 43.92
N ASP A 474 -7.42 28.25 44.15
CA ASP A 474 -7.93 29.03 43.03
C ASP A 474 -6.80 29.68 42.24
N MET A 475 -5.83 30.26 42.95
CA MET A 475 -4.68 30.87 42.30
C MET A 475 -3.86 29.82 41.56
N LYS A 476 -3.71 28.63 42.15
CA LYS A 476 -2.99 27.56 41.48
C LYS A 476 -3.67 27.18 40.17
N ILE A 477 -5.00 27.04 40.19
CA ILE A 477 -5.72 26.68 38.98
C ILE A 477 -5.62 27.79 37.93
N TRP A 478 -5.73 29.05 38.36
CA TRP A 478 -5.62 30.16 37.43
C TRP A 478 -4.25 30.23 36.80
N SER A 479 -3.20 30.03 37.61
CA SER A 479 -1.85 30.02 37.06
C SER A 479 -1.64 28.84 36.13
N LYS A 480 -2.27 27.70 36.43
CA LYS A 480 -2.21 26.57 35.52
C LYS A 480 -2.80 26.93 34.16
N VAL A 481 -3.97 27.57 34.17
CA VAL A 481 -4.60 27.96 32.90
C VAL A 481 -3.74 28.98 32.16
N LYS A 482 -3.16 29.93 32.90
CA LYS A 482 -2.28 30.91 32.28
C LYS A 482 -1.08 30.23 31.63
N SER A 483 -0.49 29.25 32.30
CA SER A 483 0.63 28.52 31.72
C SER A 483 0.19 27.72 30.50
N TYR A 484 -1.04 27.20 30.52
CA TYR A 484 -1.56 26.54 29.33
C TYR A 484 -1.62 27.51 28.15
N GLN A 485 -2.09 28.74 28.40
CA GLN A 485 -2.31 29.67 27.31
C GLN A 485 -1.02 30.28 26.80
N THR A 486 -0.08 30.59 27.69
CA THR A 486 1.10 31.37 27.32
C THR A 486 2.40 30.59 27.38
N ASP A 487 2.62 29.84 28.45
CA ASP A 487 3.90 29.15 28.61
C ASP A 487 4.10 28.12 27.50
N PRO A 488 5.26 28.09 26.85
CA PRO A 488 5.46 27.12 25.77
C PRO A 488 5.31 25.67 26.20
N TRP A 489 5.75 25.34 27.41
CA TRP A 489 5.60 23.97 27.89
C TRP A 489 4.14 23.61 28.11
N GLY A 490 3.29 24.61 28.36
CA GLY A 490 1.87 24.35 28.55
C GLY A 490 1.12 24.11 27.27
N ALA A 491 1.76 24.32 26.12
CA ALA A 491 1.11 24.06 24.84
C ALA A 491 0.99 22.57 24.60
N THR A 492 0.11 22.21 23.67
CA THR A 492 -0.06 20.82 23.29
C THR A 492 1.25 20.27 22.74
N PHE A 493 1.56 19.03 23.10
CA PHE A 493 2.75 18.40 22.55
C PHE A 493 2.55 18.18 21.05
N ASP A 494 3.54 18.59 20.27
CA ASP A 494 3.46 18.47 18.82
C ASP A 494 3.81 17.03 18.46
N LEU A 495 2.80 16.26 18.05
CA LEU A 495 3.03 14.88 17.66
C LEU A 495 4.07 14.79 16.55
N ASP A 496 3.97 15.68 15.57
CA ASP A 496 4.91 15.66 14.46
C ASP A 496 6.32 15.94 14.92
N ALA A 497 6.51 16.89 15.84
CA ALA A 497 7.86 17.27 16.26
C ALA A 497 8.54 16.13 17.04
N ASN A 498 7.82 15.55 18.00
CA ASN A 498 8.42 14.47 18.79
C ASN A 498 8.65 13.22 17.94
N PHE A 499 7.68 12.87 17.10
CA PHE A 499 7.90 11.76 16.17
C PHE A 499 9.08 12.05 15.24
N LYS A 500 9.28 13.32 14.87
CA LYS A 500 10.39 13.68 14.00
C LYS A 500 11.72 13.47 14.71
N LYS A 501 11.82 13.89 15.97
CA LYS A 501 13.08 13.70 16.68
C LYS A 501 13.38 12.21 16.90
N LEU A 502 12.34 11.42 17.21
CA LEU A 502 12.55 9.99 17.37
C LEU A 502 12.96 9.34 16.04
N LEU A 503 12.35 9.77 14.93
CA LEU A 503 12.68 9.20 13.63
C LEU A 503 14.09 9.57 13.20
N LEU A 504 14.52 10.81 13.47
CA LEU A 504 15.89 11.19 13.17
C LEU A 504 16.88 10.37 13.98
N GLN A 505 16.57 10.14 15.27
CA GLN A 505 17.45 9.31 16.08
C GLN A 505 17.52 7.90 15.52
N PHE A 506 16.37 7.35 15.13
CA PHE A 506 16.35 6.00 14.57
C PHE A 506 17.18 5.94 13.29
N GLY A 507 17.04 6.94 12.44
CA GLY A 507 17.81 6.96 11.21
C GLY A 507 19.30 7.00 11.47
N TYR A 508 19.72 7.88 12.39
CA TYR A 508 21.14 7.94 12.72
C TYR A 508 21.64 6.61 13.25
N LEU A 509 20.88 5.99 14.15
CA LEU A 509 21.28 4.72 14.74
C LEU A 509 21.44 3.64 13.67
N VAL A 510 20.46 3.53 12.77
CA VAL A 510 20.51 2.47 11.78
C VAL A 510 21.61 2.71 10.75
N MET A 511 21.78 3.96 10.34
CA MET A 511 22.74 4.28 9.29
C MET A 511 24.16 4.50 9.78
N PHE A 512 24.41 4.47 11.10
CA PHE A 512 25.79 4.58 11.56
C PHE A 512 26.08 3.63 12.72
N SER A 513 25.32 2.54 12.84
CA SER A 513 25.63 1.55 13.85
C SER A 513 26.88 0.76 13.53
N THR A 514 27.10 0.43 12.25
CA THR A 514 28.17 -0.48 11.88
C THR A 514 29.56 0.10 12.12
N ILE A 515 29.68 1.42 12.26
CA ILE A 515 30.99 2.05 12.43
C ILE A 515 31.21 2.38 13.90
N TRP A 516 30.14 2.57 14.65
CA TRP A 516 30.20 2.82 16.09
C TRP A 516 29.39 1.76 16.81
N PRO A 517 30.01 0.66 17.26
CA PRO A 517 29.23 -0.41 17.89
C PRO A 517 28.51 -0.01 19.15
N LEU A 518 29.02 0.95 19.91
CA LEU A 518 28.40 1.36 21.18
C LEU A 518 27.32 2.40 21.01
N ALA A 519 27.02 2.81 19.77
CA ALA A 519 25.93 3.76 19.56
C ALA A 519 24.58 3.29 20.09
N PRO A 520 24.17 2.03 19.90
CA PRO A 520 22.86 1.61 20.44
C PRO A 520 22.71 1.80 21.94
N PHE A 521 23.77 1.64 22.74
CA PHE A 521 23.62 1.82 24.19
C PHE A 521 23.39 3.28 24.56
N ILE A 522 24.14 4.20 23.93
CA ILE A 522 23.90 5.62 24.15
C ILE A 522 22.50 5.98 23.71
N CYS A 523 22.06 5.42 22.58
CA CYS A 523 20.70 5.65 22.12
C CYS A 523 19.67 5.17 23.13
N LEU A 524 19.90 4.00 23.71
CA LEU A 524 18.96 3.46 24.70
C LEU A 524 18.88 4.36 25.93
N ILE A 525 20.04 4.83 26.41
CA ILE A 525 20.04 5.71 27.59
C ILE A 525 19.27 6.99 27.28
N VAL A 526 19.55 7.59 26.11
CA VAL A 526 18.88 8.83 25.74
C VAL A 526 17.38 8.60 25.60
N ASN A 527 16.98 7.48 24.98
CA ASN A 527 15.56 7.18 24.83
C ASN A 527 14.88 6.98 26.17
N LEU A 528 15.54 6.33 27.12
CA LEU A 528 14.93 6.15 28.43
C LEU A 528 14.71 7.49 29.13
N ILE A 529 15.74 8.33 29.14
CA ILE A 529 15.60 9.61 29.83
C ILE A 529 14.57 10.50 29.14
N VAL A 530 14.55 10.49 27.81
CA VAL A 530 13.58 11.31 27.09
C VAL A 530 12.18 10.74 27.25
N TYR A 531 12.05 9.42 27.40
CA TYR A 531 10.75 8.83 27.68
C TYR A 531 10.21 9.33 29.00
N GLN A 532 11.06 9.32 30.04
CA GLN A 532 10.61 9.80 31.34
C GLN A 532 10.20 11.27 31.27
N VAL A 533 11.05 12.10 30.65
CA VAL A 533 10.76 13.53 30.59
C VAL A 533 9.51 13.81 29.78
N ASP A 534 9.36 13.16 28.62
CA ASP A 534 8.20 13.38 27.77
C ASP A 534 6.92 12.91 28.44
N LEU A 535 6.98 11.77 29.15
CA LEU A 535 5.81 11.30 29.87
C LEU A 535 5.39 12.31 30.93
N ARG A 536 6.34 12.81 31.71
CA ARG A 536 6.00 13.80 32.72
C ARG A 536 5.40 15.04 32.10
N LYS A 537 6.02 15.55 31.03
CA LYS A 537 5.55 16.80 30.44
C LYS A 537 4.20 16.63 29.75
N ALA A 538 3.91 15.45 29.22
CA ALA A 538 2.63 15.22 28.56
C ALA A 538 1.50 15.01 29.56
N VAL A 539 1.78 14.35 30.68
CA VAL A 539 0.71 14.02 31.62
C VAL A 539 0.47 15.13 32.64
N LEU A 540 1.46 15.99 32.90
CA LEU A 540 1.31 17.00 33.93
C LEU A 540 1.21 18.43 33.43
N TYR A 541 1.81 18.75 32.29
CA TYR A 541 1.89 20.15 31.86
C TYR A 541 1.25 20.37 30.49
N SER A 542 1.32 19.38 29.61
CA SER A 542 0.88 19.54 28.24
C SER A 542 -0.63 19.81 28.19
N LYS A 543 -1.02 20.62 27.21
CA LYS A 543 -2.42 21.00 27.05
C LYS A 543 -3.25 19.80 26.63
N PRO A 544 -4.26 19.40 27.40
CA PRO A 544 -5.13 18.32 26.96
C PRO A 544 -5.93 18.73 25.74
N GLU A 545 -6.17 17.76 24.86
CA GLU A 545 -6.90 18.01 23.62
C GLU A 545 -8.07 17.04 23.46
N TYR A 546 -8.47 16.33 24.51
CA TYR A 546 -9.55 15.37 24.40
C TYR A 546 -10.33 15.33 25.71
N PHE A 547 -11.64 15.45 25.61
CA PHE A 547 -12.53 15.49 26.76
C PHE A 547 -12.68 14.10 27.36
N PRO A 548 -13.09 14.02 28.63
CA PRO A 548 -13.32 12.69 29.24
C PRO A 548 -14.37 11.86 28.53
N PHE A 549 -15.36 12.49 27.92
CA PHE A 549 -16.45 11.76 27.28
C PHE A 549 -16.67 12.30 25.87
N PRO A 550 -17.08 11.43 24.93
CA PRO A 550 -17.19 11.87 23.53
C PRO A 550 -18.25 12.93 23.34
N ILE A 551 -17.97 13.85 22.42
CA ILE A 551 -18.89 14.90 22.01
C ILE A 551 -18.75 15.11 20.51
N TYR A 552 -19.77 14.73 19.75
CA TYR A 552 -19.74 14.88 18.30
C TYR A 552 -20.13 16.29 17.88
N VAL A 566 -0.32 6.84 11.68
CA VAL A 566 0.51 8.01 11.90
C VAL A 566 0.51 8.91 10.67
N GLY A 567 0.72 8.30 9.50
CA GLY A 567 0.69 9.03 8.25
C GLY A 567 2.03 9.12 7.55
N LEU A 568 2.57 10.33 7.43
CA LEU A 568 3.84 10.52 6.75
C LEU A 568 4.97 9.80 7.47
N TRP A 569 4.97 9.84 8.79
CA TRP A 569 6.09 9.31 9.56
C TRP A 569 6.27 7.81 9.35
N ASN A 570 5.20 7.10 9.00
CA ASN A 570 5.33 5.67 8.70
C ASN A 570 6.18 5.46 7.45
N SER A 571 5.86 6.17 6.37
CA SER A 571 6.67 6.08 5.17
C SER A 571 8.08 6.58 5.41
N VAL A 572 8.23 7.60 6.26
CA VAL A 572 9.56 8.10 6.62
C VAL A 572 10.37 7.00 7.29
N LEU A 573 9.73 6.27 8.22
CA LEU A 573 10.41 5.18 8.90
C LEU A 573 10.81 4.07 7.93
N VAL A 574 9.92 3.74 6.99
CA VAL A 574 10.23 2.69 6.02
C VAL A 574 11.42 3.10 5.15
N MET A 575 11.39 4.35 4.66
CA MET A 575 12.50 4.85 3.84
C MET A 575 13.80 4.87 4.64
N PHE A 576 13.74 5.30 5.89
CA PHE A 576 14.93 5.35 6.73
C PHE A 576 15.49 3.95 6.96
N SER A 577 14.61 2.97 7.17
CA SER A 577 15.06 1.60 7.37
C SER A 577 15.76 1.07 6.12
N ILE A 578 15.17 1.31 4.94
CA ILE A 578 15.81 0.84 3.71
C ILE A 578 17.15 1.51 3.50
N LEU A 579 17.22 2.82 3.72
CA LEU A 579 18.47 3.54 3.53
C LEU A 579 19.52 3.09 4.53
N GLY A 580 19.12 2.84 5.78
CA GLY A 580 20.06 2.32 6.75
C GLY A 580 20.58 0.95 6.38
N CYS A 581 19.69 0.09 5.85
CA CYS A 581 20.12 -1.22 5.40
C CYS A 581 21.18 -1.11 4.32
N VAL A 582 20.90 -0.31 3.29
CA VAL A 582 21.84 -0.23 2.17
C VAL A 582 23.16 0.40 2.62
N ILE A 583 23.10 1.45 3.46
CA ILE A 583 24.33 2.10 3.88
C ILE A 583 25.15 1.18 4.78
N THR A 584 24.49 0.41 5.65
CA THR A 584 25.22 -0.52 6.50
C THR A 584 25.88 -1.61 5.68
N ALA A 585 25.15 -2.16 4.70
CA ALA A 585 25.73 -3.22 3.88
C ALA A 585 26.90 -2.69 3.06
N THR A 586 26.76 -1.49 2.49
CA THR A 586 27.86 -0.93 1.71
C THR A 586 29.07 -0.64 2.59
N LEU A 587 28.85 -0.13 3.81
CA LEU A 587 29.96 0.10 4.71
C LEU A 587 30.67 -1.20 5.07
N THR A 588 29.89 -2.26 5.31
CA THR A 588 30.50 -3.55 5.63
C THR A 588 31.27 -4.09 4.43
N TYR A 589 30.76 -3.88 3.22
CA TYR A 589 31.43 -4.37 2.02
C TYR A 589 32.64 -3.53 1.63
N MET A 590 32.75 -2.29 2.13
CA MET A 590 33.88 -1.44 1.78
C MET A 590 34.97 -1.40 2.84
N TYR A 591 34.61 -1.22 4.12
CA TYR A 591 35.57 -0.94 5.17
C TYR A 591 36.22 -2.19 5.77
N GLN A 592 35.72 -3.39 5.45
CA GLN A 592 36.25 -4.59 6.09
C GLN A 592 37.68 -4.88 5.66
N SER A 593 38.09 -4.39 4.49
CA SER A 593 39.43 -4.62 3.97
C SER A 593 40.02 -3.32 3.41
N CYS A 594 39.83 -2.22 4.13
CA CYS A 594 40.34 -0.93 3.69
C CYS A 594 41.86 -0.85 3.83
N PRO A 616 42.79 3.16 -0.79
CA PRO A 616 42.20 2.51 0.38
C PRO A 616 40.93 1.73 0.04
N ILE A 617 40.62 1.63 -1.25
CA ILE A 617 39.47 0.90 -1.75
C ILE A 617 39.97 -0.24 -2.61
N ASN A 618 39.57 -1.46 -2.26
CA ASN A 618 40.04 -2.67 -2.95
C ASN A 618 39.24 -3.01 -4.20
N HIS A 619 38.17 -2.26 -4.49
CA HIS A 619 37.33 -2.53 -5.64
C HIS A 619 36.95 -1.22 -6.33
N SER A 620 36.68 -1.30 -7.62
CA SER A 620 36.29 -0.13 -8.38
C SER A 620 34.87 0.31 -7.99
N TRP A 621 34.53 1.54 -8.37
CA TRP A 621 33.25 2.11 -7.97
C TRP A 621 32.08 1.32 -8.54
N ILE A 622 32.28 0.67 -9.68
CA ILE A 622 31.23 -0.13 -10.30
C ILE A 622 30.83 -1.29 -9.40
N ASN A 623 31.82 -1.97 -8.80
CA ASN A 623 31.52 -3.09 -7.91
C ASN A 623 30.75 -2.63 -6.68
N ILE A 624 31.12 -1.49 -6.12
CA ILE A 624 30.38 -0.94 -4.98
C ILE A 624 28.95 -0.57 -5.37
N VAL A 625 28.76 0.09 -6.51
CA VAL A 625 27.43 0.52 -6.92
C VAL A 625 26.52 -0.68 -7.19
N LEU A 626 27.04 -1.68 -7.88
CA LEU A 626 26.25 -2.87 -8.17
C LEU A 626 25.86 -3.59 -6.87
N TYR A 627 26.81 -3.71 -5.94
CA TYR A 627 26.52 -4.33 -4.65
C TYR A 627 25.46 -3.55 -3.90
N ALA A 628 25.54 -2.22 -3.93
CA ALA A 628 24.55 -1.41 -3.25
C ALA A 628 23.17 -1.60 -3.85
N VAL A 629 23.08 -1.64 -5.18
CA VAL A 629 21.79 -1.84 -5.83
C VAL A 629 21.22 -3.21 -5.48
N PHE A 630 22.07 -4.24 -5.51
CA PHE A 630 21.61 -5.59 -5.16
C PHE A 630 21.11 -5.65 -3.73
N ILE A 631 21.83 -5.02 -2.81
CA ILE A 631 21.42 -5.02 -1.41
C ILE A 631 20.10 -4.27 -1.24
N GLU A 632 19.95 -3.15 -1.95
CA GLU A 632 18.70 -2.40 -1.87
C GLU A 632 17.52 -3.25 -2.33
N HIS A 633 17.68 -3.94 -3.47
CA HIS A 633 16.59 -4.76 -3.97
C HIS A 633 16.28 -5.91 -3.03
N VAL A 634 17.30 -6.59 -2.52
CA VAL A 634 17.03 -7.73 -1.64
C VAL A 634 16.43 -7.25 -0.32
N SER A 635 16.81 -6.06 0.15
CA SER A 635 16.24 -5.54 1.38
C SER A 635 14.78 -5.18 1.19
N VAL A 636 14.44 -4.60 0.04
CA VAL A 636 13.03 -4.34 -0.27
C VAL A 636 12.25 -5.65 -0.30
N ALA A 637 12.85 -6.68 -0.90
CA ALA A 637 12.18 -7.99 -0.95
C ALA A 637 11.96 -8.56 0.44
N ILE A 638 12.98 -8.48 1.29
CA ILE A 638 12.86 -9.02 2.66
C ILE A 638 11.82 -8.25 3.45
N PHE A 639 11.80 -6.92 3.30
CA PHE A 639 10.79 -6.12 3.99
C PHE A 639 9.39 -6.51 3.53
N PHE A 640 9.20 -6.71 2.22
CA PHE A 640 7.89 -7.11 1.73
C PHE A 640 7.50 -8.50 2.25
N LEU A 641 8.48 -9.40 2.35
CA LEU A 641 8.21 -10.72 2.91
C LEU A 641 7.74 -10.60 4.36
N PHE A 642 8.45 -9.81 5.16
CA PHE A 642 8.05 -9.64 6.55
C PHE A 642 6.67 -8.99 6.64
N SER A 643 6.39 -8.04 5.76
CA SER A 643 5.08 -7.40 5.74
C SER A 643 3.98 -8.42 5.42
N SER A 644 4.24 -9.32 4.47
CA SER A 644 3.22 -10.31 4.12
C SER A 644 2.97 -11.28 5.26
N ILE A 645 4.04 -11.76 5.90
CA ILE A 645 3.88 -12.65 7.04
C ILE A 645 3.11 -11.96 8.17
N LEU A 646 3.44 -10.71 8.45
CA LEU A 646 2.74 -10.02 9.53
C LEU A 646 1.28 -9.78 9.17
N LYS A 647 0.99 -9.48 7.90
CA LYS A 647 -0.39 -9.25 7.49
C LYS A 647 -1.20 -10.54 7.48
N SER A 648 -0.54 -11.69 7.33
CA SER A 648 -1.25 -12.96 7.30
C SER A 648 -2.00 -13.20 8.61
N SER A 649 -1.40 -12.83 9.74
CA SER A 649 -2.02 -13.04 11.03
C SER A 649 -2.98 -11.90 11.38
N GLN B 61 -48.19 -29.77 -16.75
CA GLN B 61 -47.09 -28.84 -16.49
C GLN B 61 -45.80 -29.33 -17.13
N THR B 62 -45.19 -28.47 -17.95
CA THR B 62 -43.95 -28.76 -18.62
C THR B 62 -42.79 -28.04 -17.94
N ILE B 63 -41.58 -28.32 -18.41
CA ILE B 63 -40.39 -27.68 -17.86
C ILE B 63 -40.41 -26.18 -18.12
N THR B 64 -40.72 -25.79 -19.37
CA THR B 64 -40.76 -24.38 -19.73
C THR B 64 -41.92 -23.66 -19.06
N SER B 65 -43.06 -24.33 -18.90
CA SER B 65 -44.19 -23.70 -18.25
C SER B 65 -43.88 -23.31 -16.82
N LEU B 66 -43.00 -24.06 -16.15
CA LEU B 66 -42.56 -23.67 -14.81
C LEU B 66 -41.69 -22.43 -14.85
N ASP B 67 -40.93 -22.24 -15.93
CA ASP B 67 -40.05 -21.09 -16.11
C ASP B 67 -39.09 -20.96 -14.94
N PRO B 68 -38.13 -21.88 -14.80
CA PRO B 68 -37.28 -21.89 -13.60
C PRO B 68 -36.36 -20.68 -13.56
N ASN B 69 -36.48 -19.89 -12.49
CA ASN B 69 -35.52 -18.86 -12.17
C ASN B 69 -34.38 -19.36 -11.30
N CYS B 70 -34.46 -20.62 -10.85
CA CYS B 70 -33.41 -21.25 -10.05
C CYS B 70 -33.37 -22.72 -10.40
N VAL B 71 -32.17 -23.29 -10.39
CA VAL B 71 -31.95 -24.68 -10.73
C VAL B 71 -31.14 -25.33 -9.60
N ILE B 72 -31.64 -26.44 -9.09
CA ILE B 72 -30.96 -27.21 -8.06
C ILE B 72 -30.72 -28.60 -8.63
N VAL B 73 -29.47 -29.03 -8.65
CA VAL B 73 -29.09 -30.35 -9.15
C VAL B 73 -28.46 -31.10 -7.98
N PHE B 74 -29.01 -32.27 -7.67
CA PHE B 74 -28.58 -33.07 -6.53
C PHE B 74 -28.27 -34.49 -6.97
N ASN B 75 -27.33 -35.12 -6.27
CA ASN B 75 -26.87 -36.45 -6.63
C ASN B 75 -28.02 -37.45 -6.53
N LYS B 76 -28.12 -38.33 -7.54
CA LYS B 76 -29.13 -39.37 -7.57
C LYS B 76 -28.62 -40.70 -7.04
N THR B 77 -27.35 -40.79 -6.66
CA THR B 77 -26.83 -42.03 -6.09
C THR B 77 -27.55 -42.36 -4.79
N SER B 78 -28.00 -41.35 -4.05
CA SER B 78 -28.80 -41.57 -2.86
C SER B 78 -30.26 -41.77 -3.25
N SER B 79 -30.53 -42.72 -4.14
CA SER B 79 -31.90 -43.03 -4.51
C SER B 79 -32.60 -43.85 -3.43
N ALA B 80 -31.86 -44.74 -2.76
CA ALA B 80 -32.42 -45.45 -1.62
C ALA B 80 -32.78 -44.48 -0.50
N ASN B 81 -31.90 -43.51 -0.23
CA ASN B 81 -32.26 -42.43 0.69
C ASN B 81 -33.36 -41.56 0.11
N GLU B 82 -33.42 -41.45 -1.22
CA GLU B 82 -34.43 -40.69 -1.94
C GLU B 82 -34.49 -39.25 -1.40
N LYS B 83 -33.38 -38.54 -1.64
CA LYS B 83 -33.26 -37.15 -1.21
C LYS B 83 -34.39 -36.29 -1.74
N SER B 84 -35.06 -36.72 -2.81
CA SER B 84 -36.13 -35.93 -3.39
C SER B 84 -37.26 -35.67 -2.40
N LEU B 85 -37.39 -36.49 -1.35
CA LEU B 85 -38.35 -36.16 -0.31
C LEU B 85 -37.96 -34.87 0.39
N ASN B 86 -36.67 -34.68 0.67
CA ASN B 86 -36.21 -33.50 1.37
C ASN B 86 -36.55 -32.23 0.59
N VAL B 87 -36.43 -32.29 -0.74
CA VAL B 87 -36.70 -31.11 -1.55
C VAL B 87 -38.18 -30.92 -1.81
N GLU B 88 -39.03 -31.89 -1.45
CA GLU B 88 -40.46 -31.74 -1.75
C GLU B 88 -41.31 -31.40 -0.52
N PHE B 89 -40.95 -31.86 0.68
CA PHE B 89 -41.75 -31.43 1.82
C PHE B 89 -41.39 -30.02 2.27
N LYS B 90 -40.28 -29.46 1.80
CA LYS B 90 -40.01 -28.04 1.91
C LYS B 90 -40.48 -27.28 0.68
N ARG B 91 -40.99 -27.97 -0.32
CA ARG B 91 -41.53 -27.38 -1.54
C ARG B 91 -42.96 -26.87 -1.34
N LEU B 92 -43.51 -27.01 -0.14
CA LEU B 92 -44.91 -26.65 0.10
C LEU B 92 -45.19 -25.17 -0.10
N ASN B 93 -44.16 -24.32 -0.16
CA ASN B 93 -44.37 -22.89 -0.31
C ASN B 93 -44.16 -22.38 -1.74
N ILE B 94 -43.32 -23.02 -2.54
CA ILE B 94 -43.10 -22.62 -3.93
C ILE B 94 -43.06 -23.87 -4.81
N HIS B 95 -43.67 -23.78 -5.99
CA HIS B 95 -43.77 -24.93 -6.87
C HIS B 95 -42.40 -25.30 -7.44
N SER B 96 -42.27 -26.56 -7.85
CA SER B 96 -41.02 -27.09 -8.35
C SER B 96 -41.31 -28.31 -9.21
N ILE B 97 -40.32 -28.70 -10.03
CA ILE B 97 -40.42 -29.87 -10.88
C ILE B 97 -39.16 -30.71 -10.72
N ILE B 98 -39.28 -32.00 -11.00
CA ILE B 98 -38.17 -32.95 -10.92
C ILE B 98 -38.13 -33.77 -12.21
N GLU B 99 -36.92 -33.98 -12.73
CA GLU B 99 -36.73 -34.72 -13.97
C GLU B 99 -35.29 -35.20 -14.04
N PRO B 100 -35.05 -36.47 -14.37
CA PRO B 100 -33.70 -37.04 -14.22
C PRO B 100 -32.66 -36.36 -15.10
N GLY B 101 -31.44 -36.29 -14.57
CA GLY B 101 -30.38 -35.50 -15.18
C GLY B 101 -29.70 -36.19 -16.35
N HIS B 102 -28.51 -35.68 -16.67
CA HIS B 102 -27.80 -36.15 -17.86
C HIS B 102 -27.37 -37.61 -17.71
N ASP B 103 -26.88 -38.00 -16.54
CA ASP B 103 -26.43 -39.36 -16.31
C ASP B 103 -27.27 -40.01 -15.21
N LEU B 104 -27.00 -41.29 -14.97
CA LEU B 104 -27.78 -42.08 -14.03
C LEU B 104 -27.54 -41.68 -12.57
N GLN B 105 -26.55 -40.85 -12.29
CA GLN B 105 -26.23 -40.47 -10.93
C GLN B 105 -26.54 -39.02 -10.61
N THR B 106 -27.23 -38.31 -11.51
CA THR B 106 -27.67 -36.95 -11.23
C THR B 106 -29.11 -36.78 -11.70
N SER B 107 -29.79 -35.80 -11.09
CA SER B 107 -31.15 -35.44 -11.48
C SER B 107 -31.29 -33.93 -11.42
N TYR B 108 -32.19 -33.40 -12.23
CA TYR B 108 -32.41 -31.96 -12.32
C TYR B 108 -33.72 -31.61 -11.63
N ALA B 109 -33.67 -30.67 -10.70
CA ALA B 109 -34.82 -30.24 -9.90
C ALA B 109 -34.96 -28.73 -10.07
N PHE B 110 -35.73 -28.31 -11.07
CA PHE B 110 -35.92 -26.90 -11.35
C PHE B 110 -36.98 -26.34 -10.41
N ILE B 111 -36.73 -25.15 -9.88
CA ILE B 111 -37.62 -24.53 -8.90
C ILE B 111 -37.67 -23.02 -9.13
N ARG B 112 -38.84 -22.44 -8.95
CA ARG B 112 -39.02 -21.00 -9.07
C ARG B 112 -38.71 -20.32 -7.75
N ILE B 113 -38.03 -19.18 -7.81
CA ILE B 113 -37.56 -18.49 -6.62
C ILE B 113 -37.96 -17.02 -6.69
N HIS B 114 -38.13 -16.42 -5.52
CA HIS B 114 -38.41 -14.99 -5.41
C HIS B 114 -37.76 -14.47 -4.13
N GLN B 115 -37.82 -13.15 -3.95
CA GLN B 115 -37.19 -12.54 -2.79
C GLN B 115 -37.86 -12.94 -1.48
N ASP B 116 -39.15 -13.27 -1.53
CA ASP B 116 -39.86 -13.67 -0.31
C ASP B 116 -39.23 -14.93 0.27
N ASN B 117 -39.25 -16.02 -0.48
CA ASN B 117 -38.58 -17.26 -0.06
C ASN B 117 -37.16 -17.27 -0.62
N ALA B 118 -36.32 -16.42 -0.01
CA ALA B 118 -34.93 -16.27 -0.41
C ALA B 118 -34.00 -17.03 0.54
N LYS B 119 -34.10 -16.76 1.82
CA LYS B 119 -33.21 -17.35 2.83
C LYS B 119 -33.49 -18.83 3.06
N PRO B 120 -34.71 -19.22 3.47
CA PRO B 120 -34.87 -20.59 4.02
C PRO B 120 -34.57 -21.70 3.04
N LEU B 121 -34.86 -21.52 1.75
CA LEU B 121 -34.64 -22.61 0.81
C LEU B 121 -33.16 -22.93 0.68
N PHE B 122 -32.31 -21.92 0.72
CA PHE B 122 -30.87 -22.15 0.66
C PHE B 122 -30.33 -22.66 1.99
N SER B 123 -30.93 -22.24 3.12
CA SER B 123 -30.44 -22.68 4.42
C SER B 123 -30.62 -24.19 4.59
N PHE B 124 -31.76 -24.72 4.14
CA PHE B 124 -31.96 -26.17 4.21
C PHE B 124 -30.96 -26.90 3.32
N LEU B 125 -30.74 -26.38 2.11
CA LEU B 125 -29.83 -27.05 1.18
C LEU B 125 -28.41 -27.10 1.74
N GLN B 126 -27.98 -26.02 2.40
CA GLN B 126 -26.63 -25.98 2.96
C GLN B 126 -26.42 -27.09 3.98
N ASN B 127 -27.40 -27.29 4.88
CA ASN B 127 -27.28 -28.36 5.87
C ASN B 127 -27.37 -29.73 5.22
N LEU B 128 -28.07 -29.84 4.09
CA LEU B 128 -28.20 -31.12 3.41
C LEU B 128 -26.84 -31.63 2.93
N ASP B 129 -26.02 -30.75 2.39
CA ASP B 129 -24.61 -31.03 2.06
C ASP B 129 -24.44 -32.13 1.03
N PHE B 130 -25.47 -32.41 0.24
CA PHE B 130 -25.35 -33.38 -0.86
C PHE B 130 -25.72 -32.79 -2.21
N ILE B 131 -26.14 -31.52 -2.27
CA ILE B 131 -26.38 -30.87 -3.55
C ILE B 131 -25.04 -30.71 -4.28
N GLU B 132 -24.99 -31.13 -5.54
CA GLU B 132 -23.74 -31.07 -6.27
C GLU B 132 -23.39 -29.65 -6.69
N SER B 133 -24.38 -28.87 -7.11
CA SER B 133 -24.14 -27.48 -7.49
C SER B 133 -25.47 -26.74 -7.56
N ILE B 134 -25.38 -25.42 -7.62
CA ILE B 134 -26.55 -24.55 -7.71
C ILE B 134 -26.37 -23.67 -8.95
N ILE B 135 -27.39 -23.65 -9.81
CA ILE B 135 -27.34 -22.94 -11.08
C ILE B 135 -28.42 -21.86 -11.07
N PRO B 136 -28.07 -20.58 -11.00
CA PRO B 136 -29.05 -19.49 -11.12
C PRO B 136 -29.50 -19.27 -12.57
N TYR B 137 -30.49 -20.07 -12.99
CA TYR B 137 -30.88 -20.11 -14.39
C TYR B 137 -31.49 -18.80 -14.84
N HIS B 138 -31.12 -18.39 -16.06
CA HIS B 138 -31.79 -17.29 -16.75
C HIS B 138 -33.07 -17.84 -17.38
N ASP B 139 -34.19 -17.17 -17.12
CA ASP B 139 -35.46 -17.56 -17.73
C ASP B 139 -35.55 -16.98 -19.14
N THR B 140 -36.73 -17.03 -19.74
CA THR B 140 -36.91 -16.48 -21.08
C THR B 140 -36.79 -14.96 -21.07
N GLU B 141 -37.28 -14.30 -20.02
CA GLU B 141 -37.28 -12.84 -20.00
C GLU B 141 -35.86 -12.29 -19.93
N LEU B 142 -35.05 -12.79 -18.99
CA LEU B 142 -33.66 -12.32 -18.91
C LEU B 142 -32.88 -12.70 -20.15
N SER B 143 -33.05 -13.93 -20.63
CA SER B 143 -32.30 -14.37 -21.82
C SER B 143 -32.63 -13.51 -23.03
N ASP B 144 -33.89 -13.07 -23.15
CA ASP B 144 -34.25 -12.17 -24.24
C ASP B 144 -33.50 -10.85 -24.14
N ASP B 145 -33.38 -10.32 -22.91
CA ASP B 145 -32.61 -9.09 -22.73
C ASP B 145 -31.13 -9.31 -23.08
N LEU B 146 -30.58 -10.46 -22.67
CA LEU B 146 -29.19 -10.77 -23.01
C LEU B 146 -29.00 -10.87 -24.52
N HIS B 147 -29.94 -11.51 -25.21
CA HIS B 147 -29.87 -11.60 -26.66
C HIS B 147 -29.89 -10.22 -27.31
N LYS B 148 -30.74 -9.33 -26.79
CA LYS B 148 -30.80 -7.97 -27.32
C LYS B 148 -29.49 -7.23 -27.09
N LEU B 149 -28.88 -7.41 -25.92
CA LEU B 149 -27.62 -6.73 -25.64
C LEU B 149 -26.51 -7.21 -26.57
N ILE B 150 -26.44 -8.52 -26.81
CA ILE B 150 -25.41 -9.06 -27.69
C ILE B 150 -25.65 -8.63 -29.13
N SER B 151 -26.91 -8.59 -29.55
CA SER B 151 -27.20 -8.14 -30.91
C SER B 151 -26.80 -6.68 -31.11
N ILE B 152 -27.01 -5.85 -30.08
CA ILE B 152 -26.58 -4.46 -30.15
C ILE B 152 -25.07 -4.36 -30.23
N SER B 153 -24.36 -5.15 -29.42
CA SER B 153 -22.90 -5.10 -29.43
C SER B 153 -22.33 -5.60 -30.75
N LYS B 154 -22.98 -6.60 -31.35
CA LYS B 154 -22.48 -7.16 -32.61
C LYS B 154 -22.51 -6.13 -33.73
N SER B 155 -23.43 -5.17 -33.67
CA SER B 155 -23.53 -4.18 -34.74
C SER B 155 -22.41 -3.17 -34.64
N LYS B 156 -21.62 -3.05 -35.71
CA LYS B 156 -20.54 -2.07 -35.82
C LYS B 156 -19.55 -2.22 -34.67
N ILE B 157 -18.89 -3.38 -34.64
CA ILE B 157 -17.89 -3.65 -33.61
C ILE B 157 -16.65 -2.78 -33.72
N LEU B 158 -16.51 -2.02 -34.81
CA LEU B 158 -15.34 -1.18 -34.99
C LEU B 158 -15.25 -0.10 -33.91
N GLU B 159 -16.39 0.48 -33.54
CA GLU B 159 -16.40 1.49 -32.49
C GLU B 159 -15.99 0.88 -31.15
N ALA B 160 -15.35 1.70 -30.33
CA ALA B 160 -14.93 1.25 -29.01
C ALA B 160 -16.17 0.96 -28.16
N PRO B 161 -16.13 -0.09 -27.33
CA PRO B 161 -17.27 -0.35 -26.44
C PRO B 161 -17.51 0.83 -25.50
N LYS B 162 -18.78 1.11 -25.24
CA LYS B 162 -19.19 2.28 -24.48
C LYS B 162 -19.65 1.87 -23.09
N GLN B 163 -19.52 2.81 -22.15
CA GLN B 163 -19.82 2.52 -20.75
C GLN B 163 -21.31 2.24 -20.54
N TYR B 164 -22.19 2.79 -21.38
CA TYR B 164 -23.61 2.50 -21.23
C TYR B 164 -23.91 1.04 -21.55
N GLU B 165 -23.19 0.47 -22.53
CA GLU B 165 -23.31 -0.96 -22.78
C GLU B 165 -22.79 -1.77 -21.60
N LEU B 166 -21.69 -1.33 -21.00
CA LEU B 166 -21.14 -2.00 -19.83
C LEU B 166 -22.12 -1.93 -18.65
N TYR B 167 -22.74 -0.76 -18.44
CA TYR B 167 -23.68 -0.61 -17.34
C TYR B 167 -24.90 -1.51 -17.53
N ASN B 168 -25.40 -1.61 -18.76
CA ASN B 168 -26.57 -2.45 -19.01
C ASN B 168 -26.27 -3.92 -18.72
N LEU B 169 -25.08 -4.38 -19.10
CA LEU B 169 -24.71 -5.77 -18.83
C LEU B 169 -24.57 -6.01 -17.33
N SER B 170 -23.93 -5.09 -16.61
CA SER B 170 -23.74 -5.27 -15.18
C SER B 170 -25.07 -5.28 -14.46
N ASN B 171 -26.03 -4.47 -14.91
CA ASN B 171 -27.35 -4.45 -14.29
C ASN B 171 -28.13 -5.72 -14.60
N LEU B 172 -27.94 -6.28 -15.80
CA LEU B 172 -28.74 -7.43 -16.21
C LEU B 172 -28.40 -8.68 -15.40
N THR B 173 -27.10 -8.96 -15.23
CA THR B 173 -26.67 -10.18 -14.55
C THR B 173 -26.30 -9.95 -13.09
N ASN B 174 -25.91 -8.72 -12.73
CA ASN B 174 -25.47 -8.40 -11.36
C ASN B 174 -24.35 -9.34 -10.92
N ASN B 175 -23.45 -9.66 -11.85
CA ASN B 175 -22.34 -10.54 -11.55
C ASN B 175 -21.10 -9.71 -11.34
N PRO B 176 -20.57 -9.60 -10.13
CA PRO B 176 -19.37 -8.77 -9.90
C PRO B 176 -18.17 -9.20 -10.73
N LYS B 177 -17.95 -10.51 -10.89
CA LYS B 177 -16.77 -10.96 -11.61
C LYS B 177 -16.86 -10.66 -13.09
N GLN B 178 -18.06 -10.78 -13.68
CA GLN B 178 -18.24 -10.42 -15.07
C GLN B 178 -18.03 -8.93 -15.29
N SER B 179 -18.58 -8.11 -14.38
CA SER B 179 -18.49 -6.67 -14.56
C SER B 179 -17.06 -6.17 -14.39
N LEU B 180 -16.30 -6.78 -13.48
CA LEU B 180 -14.94 -6.32 -13.23
C LEU B 180 -14.03 -6.60 -14.42
N TYR B 181 -14.08 -7.83 -14.93
CA TYR B 181 -13.23 -8.18 -16.07
C TYR B 181 -13.62 -7.39 -17.30
N PHE B 182 -14.92 -7.26 -17.56
CA PHE B 182 -15.37 -6.55 -18.76
C PHE B 182 -15.03 -5.07 -18.68
N ALA B 183 -15.00 -4.51 -17.47
CA ALA B 183 -14.56 -3.13 -17.31
C ALA B 183 -13.10 -2.97 -17.71
N PHE B 184 -12.26 -3.93 -17.30
CA PHE B 184 -10.84 -3.86 -17.64
C PHE B 184 -10.63 -3.95 -19.14
N LEU B 185 -11.35 -4.85 -19.81
CA LEU B 185 -11.13 -5.05 -21.24
C LEU B 185 -11.55 -3.81 -22.04
N GLN B 186 -12.68 -3.21 -21.67
CA GLN B 186 -13.11 -1.98 -22.36
C GLN B 186 -12.13 -0.85 -22.12
N ASN B 187 -11.61 -0.75 -20.89
CA ASN B 187 -10.62 0.28 -20.60
C ASN B 187 -9.33 0.03 -21.37
N TYR B 188 -8.90 -1.22 -21.47
CA TYR B 188 -7.67 -1.54 -22.18
C TYR B 188 -7.79 -1.21 -23.66
N ILE B 189 -8.95 -1.54 -24.26
CA ILE B 189 -9.17 -1.22 -25.66
C ILE B 189 -9.18 0.28 -25.88
N LYS B 190 -9.87 1.01 -25.00
CA LYS B 190 -9.96 2.46 -25.15
C LYS B 190 -8.60 3.13 -25.05
N TRP B 191 -7.79 2.72 -24.07
CA TRP B 191 -6.46 3.30 -23.94
C TRP B 191 -5.49 2.78 -24.98
N LEU B 192 -5.81 1.68 -25.66
CA LEU B 192 -4.93 1.19 -26.71
C LEU B 192 -5.15 1.90 -28.05
N ILE B 193 -6.27 2.61 -28.20
CA ILE B 193 -6.50 3.37 -29.42
C ILE B 193 -5.47 4.48 -29.61
N PRO B 194 -5.18 5.32 -28.61
CA PRO B 194 -4.18 6.37 -28.85
C PRO B 194 -2.76 5.84 -29.04
N PHE B 195 -2.33 4.87 -28.23
CA PHE B 195 -0.96 4.40 -28.33
C PHE B 195 -0.72 3.71 -29.67
N SER B 196 -1.69 2.94 -30.16
CA SER B 196 -1.54 2.30 -31.45
C SER B 196 -1.52 3.33 -32.57
N PHE B 197 -2.26 4.42 -32.41
CA PHE B 197 -2.25 5.48 -33.41
C PHE B 197 -0.87 6.11 -33.55
N PHE B 198 -0.19 6.32 -32.42
CA PHE B 198 1.18 6.83 -32.48
C PHE B 198 2.09 5.84 -33.20
N GLY B 199 1.93 4.55 -32.90
CA GLY B 199 2.75 3.54 -33.56
C GLY B 199 2.56 3.54 -35.06
N LEU B 200 1.33 3.80 -35.52
CA LEU B 200 1.09 3.91 -36.95
C LEU B 200 1.76 5.17 -37.52
N SER B 201 1.77 6.25 -36.75
CA SER B 201 2.32 7.50 -37.25
C SER B 201 3.84 7.44 -37.38
N ILE B 202 4.51 6.76 -36.44
CA ILE B 202 5.97 6.74 -36.48
C ILE B 202 6.47 5.90 -37.65
N ARG B 203 5.73 4.85 -38.03
CA ARG B 203 6.18 4.00 -39.12
C ARG B 203 6.01 4.70 -40.47
N PHE B 204 4.86 5.33 -40.67
CA PHE B 204 4.59 6.00 -41.95
C PHE B 204 5.47 7.22 -42.13
N LEU B 205 5.57 8.06 -41.10
CA LEU B 205 6.36 9.29 -41.20
C LEU B 205 7.84 8.98 -41.37
N SER B 206 8.36 8.02 -40.62
CA SER B 206 9.78 7.67 -40.71
C SER B 206 9.98 6.39 -41.49
N SER B 214 13.38 8.58 -30.64
CA SER B 214 13.52 8.88 -29.21
C SER B 214 12.20 9.37 -28.64
N THR B 215 11.41 10.05 -29.47
CA THR B 215 10.09 10.50 -29.03
C THR B 215 9.17 9.31 -28.76
N TYR B 216 9.32 8.23 -29.53
CA TYR B 216 8.49 7.05 -29.31
C TYR B 216 8.79 6.41 -27.97
N SER B 217 10.06 6.38 -27.56
CA SER B 217 10.42 5.72 -26.31
C SER B 217 9.75 6.40 -25.12
N LEU B 218 9.74 7.74 -25.10
CA LEU B 218 9.17 8.44 -23.96
C LEU B 218 7.65 8.29 -23.94
N PHE B 219 7.02 8.22 -25.10
CA PHE B 219 5.57 8.01 -25.13
C PHE B 219 5.21 6.65 -24.55
N ALA B 220 5.99 5.62 -24.88
CA ALA B 220 5.74 4.30 -24.32
C ALA B 220 5.90 4.31 -22.81
N ILE B 221 6.90 5.03 -22.31
CA ILE B 221 7.12 5.10 -20.87
C ILE B 221 5.93 5.76 -20.18
N LEU B 222 5.53 6.94 -20.67
CA LEU B 222 4.47 7.69 -20.00
C LEU B 222 3.13 6.99 -20.10
N TRP B 223 2.82 6.40 -21.27
CA TRP B 223 1.53 5.73 -21.43
C TRP B 223 1.42 4.53 -20.52
N THR B 224 2.50 3.75 -20.41
CA THR B 224 2.46 2.53 -19.60
C THR B 224 2.20 2.85 -18.14
N LEU B 225 2.90 3.86 -17.61
CA LEU B 225 2.71 4.22 -16.20
C LEU B 225 1.36 4.90 -15.99
N SER B 226 0.90 5.68 -16.97
CA SER B 226 -0.39 6.35 -16.83
C SER B 226 -1.54 5.35 -16.84
N PHE B 227 -1.46 4.33 -17.69
CA PHE B 227 -2.50 3.32 -17.74
C PHE B 227 -2.57 2.53 -16.44
N THR B 228 -1.41 2.19 -15.88
CA THR B 228 -1.38 1.48 -14.61
C THR B 228 -1.94 2.35 -13.48
N ALA B 229 -1.55 3.62 -13.45
CA ALA B 229 -2.00 4.51 -12.39
C ALA B 229 -3.50 4.73 -12.45
N PHE B 230 -4.05 4.93 -13.65
CA PHE B 230 -5.47 5.20 -13.78
C PHE B 230 -6.30 3.98 -13.41
N TRP B 231 -5.87 2.80 -13.84
CA TRP B 231 -6.66 1.60 -13.58
C TRP B 231 -6.61 1.21 -12.11
N LEU B 232 -5.45 1.31 -11.47
CA LEU B 232 -5.32 0.83 -10.10
C LEU B 232 -6.05 1.71 -9.10
N TYR B 233 -6.12 3.02 -9.34
CA TYR B 233 -6.58 3.94 -8.31
C TYR B 233 -7.71 4.86 -8.75
N LYS B 234 -8.16 4.79 -9.99
CA LYS B 234 -9.22 5.68 -10.43
C LYS B 234 -10.46 4.95 -10.90
N TYR B 235 -10.31 3.86 -11.64
CA TYR B 235 -11.44 3.11 -12.18
C TYR B 235 -11.77 1.86 -11.38
N GLU B 236 -10.76 1.11 -10.96
CA GLU B 236 -10.95 -0.11 -10.20
C GLU B 236 -11.67 0.13 -8.87
N PRO B 237 -11.30 1.15 -8.08
CA PRO B 237 -12.04 1.36 -6.81
C PRO B 237 -13.53 1.61 -7.02
N PHE B 238 -13.90 2.32 -8.09
CA PHE B 238 -15.32 2.55 -8.35
C PHE B 238 -16.02 1.24 -8.71
N TRP B 239 -15.37 0.38 -9.49
CA TRP B 239 -16.01 -0.87 -9.89
C TRP B 239 -16.08 -1.85 -8.73
N SER B 240 -15.05 -1.88 -7.89
CA SER B 240 -15.07 -2.76 -6.73
C SER B 240 -16.21 -2.41 -5.78
N ASP B 241 -16.40 -1.11 -5.53
CA ASP B 241 -17.52 -0.68 -4.69
C ASP B 241 -18.86 -1.00 -5.33
N ARG B 242 -18.98 -0.79 -6.65
CA ARG B 242 -20.23 -1.09 -7.34
C ARG B 242 -20.53 -2.59 -7.33
N LEU B 243 -19.51 -3.43 -7.52
CA LEU B 243 -19.73 -4.87 -7.54
C LEU B 243 -19.98 -5.43 -6.15
N SER B 244 -19.27 -4.92 -5.14
CA SER B 244 -19.50 -5.38 -3.77
C SER B 244 -20.77 -4.80 -3.17
N LYS B 245 -21.30 -3.72 -3.75
CA LYS B 245 -22.62 -3.24 -3.32
C LYS B 245 -23.71 -4.24 -3.66
N TYR B 246 -23.66 -4.84 -4.85
CA TYR B 246 -24.55 -5.96 -5.16
C TYR B 246 -24.29 -7.13 -4.22
N SER B 247 -23.09 -7.71 -4.31
CA SER B 247 -22.65 -8.82 -3.47
C SER B 247 -23.76 -9.85 -3.26
N SER B 248 -24.47 -10.17 -4.33
CA SER B 248 -25.62 -11.07 -4.24
C SER B 248 -25.13 -12.48 -3.88
N PHE B 249 -26.09 -13.40 -3.79
CA PHE B 249 -25.75 -14.77 -3.45
C PHE B 249 -24.75 -15.34 -4.46
N SER B 250 -23.62 -15.81 -3.96
CA SER B 250 -22.56 -16.37 -4.78
C SER B 250 -22.57 -17.88 -4.59
N THR B 251 -23.11 -18.60 -5.57
CA THR B 251 -23.14 -20.06 -5.49
C THR B 251 -21.74 -20.65 -5.45
N ILE B 252 -20.72 -19.90 -5.87
CA ILE B 252 -19.36 -20.42 -5.85
C ILE B 252 -18.87 -20.57 -4.41
N GLU B 253 -19.05 -19.53 -3.59
CA GLU B 253 -18.61 -19.61 -2.20
C GLU B 253 -19.52 -20.50 -1.36
N PHE B 254 -20.81 -20.55 -1.71
CA PHE B 254 -21.75 -21.41 -1.01
C PHE B 254 -21.44 -22.88 -1.30
N LEU B 255 -22.14 -23.75 -0.58
CA LEU B 255 -22.00 -25.20 -0.72
C LEU B 255 -20.59 -25.67 -0.43
N VAL B 268 0.60 -18.63 8.74
CA VAL B 268 0.74 -20.07 8.55
C VAL B 268 1.30 -20.36 7.17
N ILE B 269 1.02 -19.45 6.23
CA ILE B 269 1.36 -19.70 4.83
C ILE B 269 2.83 -19.46 4.57
N MET B 270 3.57 -18.92 5.54
CA MET B 270 4.94 -18.49 5.31
C MET B 270 5.85 -19.63 4.86
N LEU B 271 5.57 -20.85 5.28
CA LEU B 271 6.48 -21.96 5.01
C LEU B 271 6.26 -22.53 3.61
N LYS B 272 5.07 -23.05 3.35
CA LYS B 272 4.83 -23.77 2.10
C LYS B 272 4.93 -22.84 0.89
N LYS B 273 4.47 -21.60 1.04
CA LYS B 273 4.52 -20.68 -0.08
C LYS B 273 5.95 -20.30 -0.43
N CYS B 274 6.84 -20.29 0.57
CA CYS B 274 8.23 -19.93 0.30
C CYS B 274 8.96 -21.05 -0.41
N CYS B 275 8.60 -22.30 -0.12
CA CYS B 275 9.28 -23.45 -0.72
C CYS B 275 8.97 -23.61 -2.20
N PHE B 276 7.96 -22.93 -2.73
CA PHE B 276 7.66 -23.07 -4.15
C PHE B 276 8.63 -22.29 -5.03
N ILE B 277 9.12 -21.14 -4.56
CA ILE B 277 10.04 -20.34 -5.37
C ILE B 277 11.26 -21.14 -5.80
N PRO B 278 11.97 -21.86 -4.92
CA PRO B 278 13.14 -22.61 -5.40
C PRO B 278 12.81 -23.69 -6.40
N VAL B 279 11.73 -24.45 -6.18
CA VAL B 279 11.39 -25.51 -7.12
C VAL B 279 10.87 -24.92 -8.43
N ALA B 280 10.21 -23.76 -8.37
CA ALA B 280 9.81 -23.07 -9.59
C ALA B 280 11.02 -22.60 -10.37
N LEU B 281 12.04 -22.11 -9.67
CA LEU B 281 13.30 -21.76 -10.34
C LEU B 281 13.98 -23.00 -10.91
N LEU B 282 13.96 -24.09 -10.15
CA LEU B 282 14.62 -25.32 -10.61
C LEU B 282 14.02 -25.81 -11.91
N PHE B 283 12.68 -25.97 -11.95
CA PHE B 283 12.04 -26.37 -13.18
C PHE B 283 12.06 -25.27 -14.23
N GLY B 284 12.01 -24.01 -13.78
CA GLY B 284 11.99 -22.89 -14.71
C GLY B 284 13.23 -22.84 -15.58
N ALA B 285 14.40 -23.07 -14.98
CA ALA B 285 15.63 -23.13 -15.75
C ALA B 285 15.70 -24.38 -16.61
N ILE B 286 14.98 -25.45 -16.25
CA ILE B 286 15.01 -26.67 -17.05
C ILE B 286 14.35 -26.44 -18.40
N LEU B 287 13.16 -25.84 -18.42
CA LEU B 287 12.53 -25.57 -19.72
C LEU B 287 13.04 -24.30 -20.35
N LEU B 288 13.71 -23.43 -19.58
CA LEU B 288 14.45 -22.33 -20.18
C LEU B 288 15.59 -22.86 -21.06
N SER B 289 16.31 -23.85 -20.56
CA SER B 289 17.35 -24.50 -21.35
C SER B 289 16.74 -25.46 -22.37
N PHE B 290 15.63 -26.11 -22.01
CA PHE B 290 14.99 -27.06 -22.91
C PHE B 290 14.52 -26.37 -24.19
N GLN B 291 13.94 -25.19 -24.06
CA GLN B 291 13.52 -24.43 -25.24
C GLN B 291 14.73 -24.06 -26.09
N LEU B 292 15.84 -23.70 -25.45
CA LEU B 292 17.05 -23.39 -26.20
C LEU B 292 17.59 -24.62 -26.91
N TYR B 293 17.63 -25.76 -26.22
CA TYR B 293 18.19 -26.97 -26.80
C TYR B 293 17.35 -27.45 -27.99
N CYS B 294 16.03 -27.46 -27.82
CA CYS B 294 15.17 -27.85 -28.93
C CYS B 294 15.20 -26.83 -30.06
N PHE B 295 15.48 -25.58 -29.74
CA PHE B 295 15.61 -24.57 -30.78
C PHE B 295 16.77 -24.89 -31.72
N ALA B 296 17.90 -25.30 -31.17
CA ALA B 296 19.03 -25.71 -32.00
C ALA B 296 18.72 -26.96 -32.81
N LEU B 297 17.79 -27.80 -32.34
CA LEU B 297 17.42 -28.99 -33.09
C LEU B 297 16.82 -28.64 -34.45
N GLU B 298 15.97 -27.60 -34.48
CA GLU B 298 15.39 -27.17 -35.75
C GLU B 298 16.46 -26.64 -36.69
N ILE B 299 17.44 -25.91 -36.16
CA ILE B 299 18.53 -25.41 -36.98
C ILE B 299 19.33 -26.56 -37.56
N PHE B 300 19.62 -27.58 -36.75
CA PHE B 300 20.35 -28.74 -37.22
C PHE B 300 19.57 -29.48 -38.30
N ILE B 301 18.25 -29.58 -38.11
CA ILE B 301 17.39 -30.27 -39.11
C ILE B 301 17.38 -29.44 -40.40
N PHE B 315 10.53 -27.88 -40.03
CA PHE B 315 9.28 -27.13 -39.91
C PHE B 315 8.31 -27.86 -38.99
N LEU B 316 8.30 -29.18 -39.07
CA LEU B 316 7.49 -29.97 -38.14
C LEU B 316 7.90 -29.79 -36.69
N PRO B 317 9.19 -29.81 -36.32
CA PRO B 317 9.53 -29.62 -34.90
C PRO B 317 9.12 -28.26 -34.35
N THR B 318 8.84 -27.29 -35.20
CA THR B 318 8.30 -26.01 -34.73
C THR B 318 7.02 -26.21 -33.94
N ILE B 319 6.09 -26.99 -34.48
CA ILE B 319 4.84 -27.26 -33.78
C ILE B 319 5.11 -28.13 -32.55
N LEU B 320 6.01 -29.10 -32.68
CA LEU B 320 6.23 -30.06 -31.59
C LEU B 320 6.73 -29.36 -30.33
N ILE B 321 7.68 -28.44 -30.47
CA ILE B 321 8.27 -27.82 -29.29
C ILE B 321 7.35 -26.78 -28.68
N CYS B 322 6.47 -26.19 -29.50
CA CYS B 322 5.51 -25.24 -28.96
C CYS B 322 4.25 -25.93 -28.43
N THR B 323 4.14 -27.25 -28.59
CA THR B 323 3.06 -28.01 -27.98
C THR B 323 3.54 -28.89 -26.83
N PHE B 324 4.80 -29.33 -26.86
CA PHE B 324 5.33 -30.14 -25.77
C PHE B 324 5.62 -29.30 -24.53
N THR B 325 6.14 -28.08 -24.72
CA THR B 325 6.41 -27.21 -23.58
C THR B 325 5.16 -26.83 -22.80
N PRO B 326 4.06 -26.40 -23.43
CA PRO B 326 2.83 -26.18 -22.64
C PRO B 326 2.33 -27.45 -21.98
N VAL B 327 2.52 -28.61 -22.60
CA VAL B 327 2.22 -29.87 -21.94
C VAL B 327 3.12 -30.07 -20.73
N LEU B 328 4.41 -29.73 -20.89
CA LEU B 328 5.37 -29.94 -19.82
C LEU B 328 5.03 -29.12 -18.58
N THR B 329 4.61 -27.87 -18.78
CA THR B 329 4.22 -27.06 -17.64
C THR B 329 2.88 -27.52 -17.06
N VAL B 330 2.00 -28.07 -17.89
CA VAL B 330 0.72 -28.58 -17.40
C VAL B 330 0.93 -29.85 -16.58
N ILE B 331 1.81 -30.75 -17.04
CA ILE B 331 2.06 -31.96 -16.28
C ILE B 331 2.88 -31.66 -15.04
N TYR B 332 3.78 -30.68 -15.13
CA TYR B 332 4.64 -30.36 -13.98
C TYR B 332 3.82 -29.77 -12.84
N ASN B 333 2.97 -28.78 -13.13
CA ASN B 333 2.22 -28.14 -12.06
C ASN B 333 1.07 -29.00 -11.55
N LYS B 334 0.70 -30.05 -12.29
CA LYS B 334 -0.30 -30.97 -11.77
C LYS B 334 0.29 -31.88 -10.71
N TYR B 335 1.55 -32.25 -10.85
CA TYR B 335 2.22 -33.08 -9.85
C TYR B 335 2.94 -32.26 -8.79
N PHE B 336 3.01 -30.95 -8.94
CA PHE B 336 3.65 -30.10 -7.94
C PHE B 336 2.71 -29.08 -7.32
N VAL B 337 2.04 -28.26 -8.12
CA VAL B 337 1.31 -27.11 -7.57
C VAL B 337 0.17 -27.56 -6.67
N GLU B 338 -0.70 -28.44 -7.18
CA GLU B 338 -1.85 -28.83 -6.38
C GLU B 338 -1.45 -29.67 -5.17
N PRO B 339 -0.34 -30.43 -5.20
CA PRO B 339 0.17 -30.95 -3.92
C PRO B 339 0.52 -29.88 -2.91
N MET B 340 1.18 -28.79 -3.33
CA MET B 340 1.56 -27.75 -2.38
C MET B 340 0.33 -27.07 -1.80
N THR B 341 -0.67 -26.78 -2.63
CA THR B 341 -1.90 -26.19 -2.14
C THR B 341 -2.61 -27.15 -1.17
N LYS B 342 -2.63 -28.44 -1.50
CA LYS B 342 -3.30 -29.42 -0.64
C LYS B 342 -2.65 -29.48 0.72
N TRP B 343 -1.32 -29.56 0.77
CA TRP B 343 -0.63 -29.74 2.04
C TRP B 343 -0.48 -28.43 2.81
N GLU B 344 -0.74 -27.29 2.17
CA GLU B 344 -0.85 -26.03 2.89
C GLU B 344 -2.25 -25.87 3.49
N ASN B 345 -3.23 -26.61 2.96
CA ASN B 345 -4.61 -26.74 3.44
C ASN B 345 -5.18 -25.47 4.07
N HIS B 346 -5.15 -24.37 3.32
CA HIS B 346 -5.78 -23.14 3.77
C HIS B 346 -7.29 -23.34 3.91
N SER B 347 -7.88 -22.67 4.91
CA SER B 347 -9.29 -22.90 5.22
C SER B 347 -10.19 -22.43 4.08
N SER B 348 -9.99 -21.20 3.62
CA SER B 348 -10.85 -20.61 2.61
C SER B 348 -10.54 -21.21 1.23
N VAL B 349 -11.59 -21.39 0.43
CA VAL B 349 -11.42 -22.01 -0.88
C VAL B 349 -11.17 -20.94 -1.95
N VAL B 350 -11.66 -19.73 -1.73
CA VAL B 350 -11.49 -18.67 -2.73
C VAL B 350 -10.04 -18.27 -2.84
N ASN B 351 -9.34 -18.15 -1.71
CA ASN B 351 -7.94 -17.76 -1.75
C ASN B 351 -7.00 -18.93 -1.97
N ALA B 352 -7.50 -20.17 -1.89
CA ALA B 352 -6.68 -21.32 -2.24
C ALA B 352 -6.45 -21.38 -3.74
N LYS B 353 -7.49 -21.07 -4.53
CA LYS B 353 -7.34 -21.06 -5.99
C LYS B 353 -6.45 -19.91 -6.44
N LYS B 354 -6.53 -18.76 -5.76
CA LYS B 354 -5.69 -17.63 -6.14
C LYS B 354 -4.21 -17.92 -5.91
N SER B 355 -3.90 -18.77 -4.93
CA SER B 355 -2.52 -19.20 -4.74
C SER B 355 -2.08 -20.14 -5.86
N LYS B 356 -3.01 -20.96 -6.36
CA LYS B 356 -2.68 -21.86 -7.45
C LYS B 356 -2.30 -21.09 -8.71
N GLU B 357 -3.03 -20.02 -9.03
CA GLU B 357 -2.71 -19.24 -10.22
C GLU B 357 -1.45 -18.41 -10.01
N ALA B 358 -1.13 -18.04 -8.77
CA ALA B 358 0.14 -17.39 -8.49
C ALA B 358 1.30 -18.34 -8.77
N LYS B 359 1.18 -19.60 -8.32
CA LYS B 359 2.22 -20.58 -8.62
C LYS B 359 2.28 -20.88 -10.11
N ASN B 360 1.12 -20.94 -10.77
CA ASN B 360 1.10 -21.15 -12.21
C ASN B 360 1.67 -19.94 -12.95
N PHE B 361 1.62 -18.76 -12.33
CA PHE B 361 2.10 -17.55 -13.00
C PHE B 361 3.62 -17.47 -12.99
N VAL B 362 4.26 -17.91 -11.91
CA VAL B 362 5.71 -17.76 -11.80
C VAL B 362 6.42 -18.64 -12.82
N ILE B 363 5.85 -19.83 -13.09
CA ILE B 363 6.45 -20.72 -14.08
C ILE B 363 6.35 -20.11 -15.48
N ILE B 364 5.17 -19.61 -15.84
CA ILE B 364 4.99 -19.08 -17.18
C ILE B 364 5.72 -17.76 -17.35
N PHE B 365 5.84 -16.97 -16.27
CA PHE B 365 6.57 -15.71 -16.35
C PHE B 365 8.05 -15.96 -16.57
N LEU B 366 8.60 -16.98 -15.90
CA LEU B 366 10.01 -17.30 -16.05
C LEU B 366 10.27 -18.00 -17.38
N SER B 367 9.26 -18.68 -17.93
CA SER B 367 9.44 -19.41 -19.18
C SER B 367 9.03 -18.61 -20.41
N SER B 368 8.44 -17.43 -20.24
CA SER B 368 7.98 -16.64 -21.38
C SER B 368 8.54 -15.23 -21.41
N TYR B 369 9.16 -14.74 -20.34
CA TYR B 369 9.74 -13.41 -20.31
C TYR B 369 11.24 -13.43 -20.17
N VAL B 370 11.77 -14.15 -19.18
CA VAL B 370 13.23 -14.23 -19.00
C VAL B 370 13.92 -14.71 -20.27
N PRO B 371 13.43 -15.72 -21.00
CA PRO B 371 14.06 -16.03 -22.29
C PRO B 371 14.05 -14.87 -23.26
N LEU B 372 12.98 -14.08 -23.29
CA LEU B 372 12.93 -12.93 -24.18
C LEU B 372 13.94 -11.86 -23.79
N LEU B 373 14.01 -11.53 -22.50
CA LEU B 373 14.98 -10.55 -22.03
C LEU B 373 16.40 -11.02 -22.26
N ILE B 374 16.67 -12.31 -22.02
CA ILE B 374 18.01 -12.84 -22.21
C ILE B 374 18.41 -12.77 -23.68
N THR B 375 17.51 -13.21 -24.57
CA THR B 375 17.86 -13.24 -25.99
C THR B 375 18.02 -11.84 -26.56
N LEU B 376 17.18 -10.89 -26.12
CA LEU B 376 17.26 -9.54 -26.65
C LEU B 376 18.58 -8.87 -26.28
N PHE B 377 19.04 -9.05 -25.05
CA PHE B 377 20.28 -8.45 -24.60
C PHE B 377 21.52 -9.23 -25.02
N LEU B 378 21.37 -10.49 -25.44
CA LEU B 378 22.50 -11.32 -25.79
C LEU B 378 22.55 -11.65 -27.28
N TYR B 379 21.74 -11.01 -28.10
CA TYR B 379 21.81 -11.21 -29.54
C TYR B 379 23.08 -10.60 -30.11
N LEU B 380 23.20 -9.28 -29.99
CA LEU B 380 24.36 -8.60 -30.57
C LEU B 380 25.63 -8.75 -29.74
N PRO B 381 25.62 -8.53 -28.41
CA PRO B 381 26.88 -8.61 -27.66
C PRO B 381 27.57 -9.96 -27.72
N MET B 382 26.82 -11.04 -27.93
CA MET B 382 27.44 -12.36 -28.00
C MET B 382 28.36 -12.47 -29.21
N GLY B 383 28.05 -11.75 -30.29
CA GLY B 383 28.90 -11.80 -31.48
C GLY B 383 30.30 -11.27 -31.22
N HIS B 384 30.40 -10.14 -30.53
CA HIS B 384 31.70 -9.61 -30.15
C HIS B 384 32.33 -10.37 -29.00
N LEU B 385 31.58 -11.26 -28.34
CA LEU B 385 32.11 -12.13 -27.31
C LEU B 385 32.73 -13.39 -27.90
N LEU B 386 32.70 -13.55 -29.22
CA LEU B 386 33.31 -14.69 -29.92
C LEU B 386 32.70 -16.01 -29.44
N THR B 387 31.42 -16.18 -29.76
CA THR B 387 30.72 -17.40 -29.39
C THR B 387 31.40 -18.62 -30.00
N ALA B 388 31.41 -19.72 -29.24
CA ALA B 388 32.05 -20.97 -29.65
C ALA B 388 33.52 -20.76 -29.99
N ILE B 412 28.97 -18.04 -39.49
CA ILE B 412 28.00 -19.04 -39.07
C ILE B 412 26.88 -18.39 -38.25
N ILE B 413 27.16 -17.18 -37.75
CA ILE B 413 26.18 -16.48 -36.93
C ILE B 413 25.06 -15.99 -37.83
N ASP B 414 23.81 -16.20 -37.39
CA ASP B 414 22.65 -16.06 -38.24
C ASP B 414 21.62 -15.15 -37.58
N THR B 415 20.70 -14.62 -38.41
CA THR B 415 19.64 -13.77 -37.90
C THR B 415 18.55 -14.59 -37.21
N LYS B 416 18.44 -15.87 -37.55
CA LYS B 416 17.30 -16.68 -37.10
C LYS B 416 17.38 -17.05 -35.62
N ARG B 417 18.55 -16.89 -34.98
CA ARG B 417 18.66 -17.26 -33.57
C ARG B 417 17.78 -16.37 -32.69
N TYR B 418 17.34 -15.23 -33.20
CA TYR B 418 16.43 -14.34 -32.49
C TYR B 418 15.10 -14.16 -33.19
N GLU B 419 15.08 -14.18 -34.53
CA GLU B 419 13.82 -14.08 -35.26
C GLU B 419 12.95 -15.31 -35.04
N ASP B 420 13.54 -16.50 -35.24
CA ASP B 420 12.80 -17.73 -34.96
C ASP B 420 12.54 -17.89 -33.47
N GLN B 421 13.50 -17.54 -32.62
CA GLN B 421 13.30 -17.62 -31.18
C GLN B 421 12.14 -16.73 -30.74
N PHE B 422 12.07 -15.52 -31.28
CA PHE B 422 10.94 -14.65 -31.02
C PHE B 422 9.65 -15.28 -31.53
N PHE B 423 9.69 -15.89 -32.71
CA PHE B 423 8.50 -16.52 -33.27
C PHE B 423 8.01 -17.67 -32.39
N TYR B 424 8.95 -18.47 -31.87
CA TYR B 424 8.56 -19.62 -31.05
C TYR B 424 7.85 -19.18 -29.78
N PHE B 425 8.35 -18.14 -29.14
CA PHE B 425 7.78 -17.72 -27.85
C PHE B 425 6.43 -17.04 -28.03
N ILE B 426 6.31 -16.17 -29.02
CA ILE B 426 5.05 -15.43 -29.20
C ILE B 426 3.94 -16.38 -29.63
N VAL B 427 4.26 -17.36 -30.47
CA VAL B 427 3.22 -18.27 -30.96
C VAL B 427 2.67 -19.13 -29.84
N ILE B 428 3.46 -19.32 -28.77
CA ILE B 428 2.96 -20.07 -27.62
C ILE B 428 1.82 -19.31 -26.94
N ASN B 429 1.96 -17.99 -26.81
CA ASN B 429 0.89 -17.20 -26.21
C ASN B 429 -0.39 -17.27 -27.04
N GLN B 430 -0.26 -17.21 -28.37
CA GLN B 430 -1.44 -17.36 -29.22
C GLN B 430 -1.99 -18.77 -29.20
N LEU B 431 -1.21 -19.75 -28.72
CA LEU B 431 -1.77 -21.08 -28.50
C LEU B 431 -2.61 -21.12 -27.24
N ILE B 432 -2.23 -20.34 -26.22
CA ILE B 432 -3.10 -20.15 -25.06
C ILE B 432 -4.37 -19.43 -25.46
N GLN B 433 -4.24 -18.41 -26.33
CA GLN B 433 -5.42 -17.70 -26.83
C GLN B 433 -6.33 -18.63 -27.62
N PHE B 434 -5.75 -19.46 -28.49
CA PHE B 434 -6.55 -20.37 -29.30
C PHE B 434 -7.28 -21.39 -28.43
N SER B 435 -6.59 -21.96 -27.44
CA SER B 435 -7.21 -22.95 -26.58
C SER B 435 -8.35 -22.33 -25.76
N MET B 436 -8.17 -21.11 -25.27
CA MET B 436 -9.19 -20.45 -24.48
C MET B 436 -10.39 -20.05 -25.33
N GLU B 437 -10.19 -19.73 -26.60
CA GLU B 437 -11.29 -19.39 -27.48
C GLU B 437 -11.84 -20.63 -28.17
N SER B 463 -32.74 -41.14 -24.68
CA SER B 463 -33.52 -41.92 -23.72
C SER B 463 -34.23 -41.02 -22.71
N GLU B 464 -33.48 -40.08 -22.12
CA GLU B 464 -34.05 -39.17 -21.15
C GLU B 464 -35.15 -38.30 -21.77
N ILE B 465 -34.90 -37.78 -22.97
CA ILE B 465 -35.88 -36.91 -23.62
C ILE B 465 -37.16 -37.69 -23.91
N GLY B 466 -37.03 -38.91 -24.43
CA GLY B 466 -38.21 -39.70 -24.75
C GLY B 466 -39.00 -40.12 -23.53
N LYS B 467 -38.29 -40.48 -22.44
CA LYS B 467 -38.98 -40.93 -21.25
C LYS B 467 -39.80 -39.80 -20.62
N ALA B 468 -39.27 -38.58 -20.64
CA ALA B 468 -39.95 -37.44 -20.04
C ALA B 468 -40.90 -36.74 -21.00
N GLN B 469 -40.93 -37.16 -22.27
CA GLN B 469 -41.81 -36.56 -23.27
C GLN B 469 -41.61 -35.05 -23.35
N LEU B 470 -40.35 -34.63 -23.29
CA LEU B 470 -40.04 -33.20 -23.31
C LEU B 470 -40.40 -32.61 -24.67
N SER B 471 -41.02 -31.43 -24.65
CA SER B 471 -41.30 -30.69 -25.87
C SER B 471 -40.02 -30.04 -26.39
N SER B 472 -40.13 -29.37 -27.53
CA SER B 472 -38.97 -28.72 -28.14
C SER B 472 -38.38 -27.66 -27.22
N SER B 473 -39.24 -26.86 -26.59
CA SER B 473 -38.76 -25.83 -25.67
C SER B 473 -38.11 -26.44 -24.44
N ASP B 474 -38.71 -27.50 -23.88
CA ASP B 474 -38.14 -28.14 -22.71
C ASP B 474 -36.79 -28.76 -23.01
N MET B 475 -36.66 -29.44 -24.15
CA MET B 475 -35.41 -30.10 -24.48
C MET B 475 -34.27 -29.09 -24.60
N LYS B 476 -34.57 -27.90 -25.09
CA LYS B 476 -33.56 -26.85 -25.15
C LYS B 476 -33.09 -26.47 -23.76
N ILE B 477 -34.02 -26.37 -22.81
CA ILE B 477 -33.66 -26.01 -21.44
C ILE B 477 -32.83 -27.13 -20.81
N TRP B 478 -33.25 -28.39 -20.98
CA TRP B 478 -32.52 -29.50 -20.39
C TRP B 478 -31.11 -29.60 -20.97
N SER B 479 -31.00 -29.45 -22.29
CA SER B 479 -29.67 -29.47 -22.91
C SER B 479 -28.82 -28.30 -22.44
N LYS B 480 -29.45 -27.17 -22.12
CA LYS B 480 -28.70 -26.04 -21.58
C LYS B 480 -28.09 -26.38 -20.23
N VAL B 481 -28.86 -27.04 -19.37
CA VAL B 481 -28.35 -27.42 -18.05
C VAL B 481 -27.23 -28.44 -18.19
N LYS B 482 -27.40 -29.40 -19.10
CA LYS B 482 -26.35 -30.39 -19.33
C LYS B 482 -25.07 -29.73 -19.82
N SER B 483 -25.21 -28.75 -20.72
CA SER B 483 -24.03 -28.07 -21.23
C SER B 483 -23.34 -27.25 -20.15
N TYR B 484 -24.09 -26.78 -19.16
CA TYR B 484 -23.47 -26.06 -18.05
C TYR B 484 -22.57 -26.96 -17.23
N GLN B 485 -22.93 -28.24 -17.12
CA GLN B 485 -22.20 -29.11 -16.20
C GLN B 485 -21.03 -29.81 -16.90
N THR B 486 -21.24 -30.30 -18.11
CA THR B 486 -20.25 -31.14 -18.79
C THR B 486 -19.42 -30.39 -19.82
N ASP B 487 -20.05 -29.57 -20.65
CA ASP B 487 -19.33 -28.87 -21.69
C ASP B 487 -18.35 -27.88 -21.08
N PRO B 488 -17.08 -27.86 -21.50
CA PRO B 488 -16.13 -26.91 -20.92
C PRO B 488 -16.53 -25.45 -21.12
N TRP B 489 -17.14 -25.13 -22.26
CA TRP B 489 -17.58 -23.76 -22.47
C TRP B 489 -18.73 -23.37 -21.56
N GLY B 490 -19.52 -24.35 -21.13
CA GLY B 490 -20.62 -24.06 -20.23
C GLY B 490 -20.20 -23.80 -18.80
N ALA B 491 -18.93 -24.03 -18.47
CA ALA B 491 -18.44 -23.76 -17.14
C ALA B 491 -18.30 -22.26 -16.91
N THR B 492 -18.22 -21.89 -15.63
CA THR B 492 -18.01 -20.49 -15.29
C THR B 492 -16.66 -20.02 -15.83
N PHE B 493 -16.65 -18.79 -16.34
CA PHE B 493 -15.40 -18.23 -16.82
C PHE B 493 -14.47 -17.96 -15.64
N ASP B 494 -13.25 -18.49 -15.73
CA ASP B 494 -12.28 -18.36 -14.64
C ASP B 494 -11.72 -16.95 -14.69
N LEU B 495 -12.04 -16.16 -13.66
CA LEU B 495 -11.58 -14.76 -13.63
C LEU B 495 -10.07 -14.68 -13.68
N ASP B 496 -9.40 -15.56 -12.94
CA ASP B 496 -7.93 -15.57 -12.95
C ASP B 496 -7.39 -15.96 -14.33
N ALA B 497 -8.06 -16.89 -15.01
CA ALA B 497 -7.56 -17.36 -16.30
C ALA B 497 -7.73 -16.31 -17.39
N ASN B 498 -8.91 -15.67 -17.44
CA ASN B 498 -9.14 -14.66 -18.47
C ASN B 498 -8.29 -13.43 -18.24
N PHE B 499 -8.13 -13.01 -16.98
CA PHE B 499 -7.22 -11.92 -16.68
C PHE B 499 -5.78 -12.28 -17.01
N LYS B 500 -5.46 -13.56 -17.08
CA LYS B 500 -4.07 -13.98 -17.30
C LYS B 500 -3.63 -13.70 -18.72
N LYS B 501 -4.50 -13.94 -19.70
CA LYS B 501 -4.09 -13.73 -21.09
C LYS B 501 -4.05 -12.25 -21.43
N LEU B 502 -4.85 -11.43 -20.74
CA LEU B 502 -4.77 -9.99 -20.95
C LEU B 502 -3.54 -9.40 -20.29
N LEU B 503 -3.14 -9.94 -19.13
CA LEU B 503 -1.97 -9.42 -18.45
C LEU B 503 -0.68 -9.85 -19.16
N LEU B 504 -0.60 -11.12 -19.57
CA LEU B 504 0.56 -11.57 -20.31
C LEU B 504 0.70 -10.82 -21.63
N GLN B 505 -0.41 -10.57 -22.30
CA GLN B 505 -0.37 -9.76 -23.51
C GLN B 505 0.11 -8.35 -23.21
N PHE B 506 -0.34 -7.77 -22.09
CA PHE B 506 0.09 -6.43 -21.74
C PHE B 506 1.59 -6.37 -21.53
N GLY B 507 2.17 -7.41 -20.95
CA GLY B 507 3.61 -7.44 -20.79
C GLY B 507 4.34 -7.43 -22.12
N TYR B 508 3.90 -8.28 -23.06
CA TYR B 508 4.56 -8.34 -24.36
C TYR B 508 4.46 -7.02 -25.10
N LEU B 509 3.34 -6.31 -24.93
CA LEU B 509 3.15 -5.04 -25.64
C LEU B 509 4.14 -3.99 -25.15
N VAL B 510 4.21 -3.80 -23.83
CA VAL B 510 5.05 -2.74 -23.28
C VAL B 510 6.53 -3.07 -23.45
N MET B 511 6.91 -4.32 -23.21
CA MET B 511 8.33 -4.66 -23.19
C MET B 511 8.87 -5.05 -24.55
N PHE B 512 8.07 -4.97 -25.62
CA PHE B 512 8.59 -5.15 -26.96
C PHE B 512 7.95 -4.18 -27.95
N SER B 513 7.41 -3.06 -27.45
CA SER B 513 6.89 -2.05 -28.37
C SER B 513 8.01 -1.29 -29.06
N THR B 514 9.10 -1.02 -28.36
CA THR B 514 10.16 -0.17 -28.90
C THR B 514 10.87 -0.80 -30.09
N ILE B 515 10.80 -2.12 -30.24
CA ILE B 515 11.52 -2.80 -31.31
C ILE B 515 10.57 -3.08 -32.47
N TRP B 516 9.28 -3.21 -32.17
CA TRP B 516 8.25 -3.40 -33.20
C TRP B 516 7.22 -2.28 -33.08
N PRO B 517 7.33 -1.23 -33.89
CA PRO B 517 6.39 -0.09 -33.77
C PRO B 517 4.95 -0.46 -34.05
N LEU B 518 4.68 -1.42 -34.92
CA LEU B 518 3.32 -1.79 -35.26
C LEU B 518 2.71 -2.79 -34.30
N ALA B 519 3.42 -3.15 -33.23
CA ALA B 519 2.87 -4.09 -32.26
C ALA B 519 1.57 -3.62 -31.62
N PRO B 520 1.43 -2.36 -31.18
CA PRO B 520 0.16 -1.96 -30.55
C PRO B 520 -1.05 -2.13 -31.45
N PHE B 521 -0.92 -1.93 -32.76
CA PHE B 521 -2.08 -2.09 -33.64
C PHE B 521 -2.50 -3.55 -33.74
N ILE B 522 -1.53 -4.46 -33.79
CA ILE B 522 -1.85 -5.89 -33.80
C ILE B 522 -2.58 -6.28 -32.52
N CYS B 523 -2.14 -5.73 -31.39
CA CYS B 523 -2.80 -6.02 -30.12
C CYS B 523 -4.21 -5.46 -30.09
N LEU B 524 -4.42 -4.28 -30.68
CA LEU B 524 -5.75 -3.69 -30.68
C LEU B 524 -6.73 -4.53 -31.50
N ILE B 525 -6.28 -5.05 -32.63
CA ILE B 525 -7.14 -5.90 -33.45
C ILE B 525 -7.51 -7.17 -32.68
N VAL B 526 -6.53 -7.79 -32.03
CA VAL B 526 -6.78 -9.00 -31.27
C VAL B 526 -7.72 -8.71 -30.10
N ASN B 527 -7.53 -7.58 -29.42
CA ASN B 527 -8.37 -7.26 -28.28
C ASN B 527 -9.81 -7.00 -28.70
N LEU B 528 -10.01 -6.38 -29.86
CA LEU B 528 -11.38 -6.11 -30.31
C LEU B 528 -12.10 -7.40 -30.68
N ILE B 529 -11.41 -8.34 -31.31
CA ILE B 529 -12.05 -9.59 -31.69
C ILE B 529 -12.20 -10.50 -30.47
N VAL B 530 -11.33 -10.35 -29.48
CA VAL B 530 -11.45 -11.17 -28.28
C VAL B 530 -12.49 -10.58 -27.33
N TYR B 531 -12.83 -9.30 -27.50
CA TYR B 531 -13.85 -8.70 -26.66
C TYR B 531 -15.23 -9.25 -27.03
N GLN B 532 -15.53 -9.33 -28.32
CA GLN B 532 -16.84 -9.82 -28.74
C GLN B 532 -17.01 -11.29 -28.41
N VAL B 533 -15.96 -12.09 -28.59
CA VAL B 533 -16.05 -13.52 -28.33
C VAL B 533 -16.21 -13.78 -26.84
N ASP B 534 -15.42 -13.10 -26.01
CA ASP B 534 -15.55 -13.28 -24.56
C ASP B 534 -16.88 -12.74 -24.06
N LEU B 535 -17.38 -11.65 -24.65
CA LEU B 535 -18.67 -11.12 -24.25
C LEU B 535 -19.78 -12.11 -24.55
N ARG B 536 -19.76 -12.70 -25.75
CA ARG B 536 -20.80 -13.66 -26.13
C ARG B 536 -20.73 -14.91 -25.26
N LYS B 537 -19.53 -15.42 -25.02
CA LYS B 537 -19.41 -16.67 -24.26
C LYS B 537 -19.73 -16.47 -22.79
N ALA B 538 -19.65 -15.24 -22.30
CA ALA B 538 -19.85 -14.99 -20.88
C ALA B 538 -21.32 -14.75 -20.54
N VAL B 539 -22.14 -14.40 -21.52
CA VAL B 539 -23.53 -14.03 -21.23
C VAL B 539 -24.52 -15.05 -21.80
N LEU B 540 -24.09 -15.88 -22.74
CA LEU B 540 -24.98 -16.86 -23.37
C LEU B 540 -24.63 -18.30 -23.06
N TYR B 541 -23.39 -18.59 -22.67
CA TYR B 541 -22.97 -19.97 -22.45
C TYR B 541 -22.34 -20.18 -21.08
N SER B 542 -21.63 -19.17 -20.58
CA SER B 542 -20.95 -19.29 -19.30
C SER B 542 -21.94 -19.55 -18.18
N LYS B 543 -21.52 -20.38 -17.23
CA LYS B 543 -22.37 -20.74 -16.11
C LYS B 543 -22.63 -19.51 -15.24
N PRO B 544 -23.88 -19.08 -15.08
CA PRO B 544 -24.14 -17.97 -14.16
C PRO B 544 -23.80 -18.35 -12.74
N GLU B 545 -23.32 -17.36 -11.98
CA GLU B 545 -22.87 -17.60 -10.62
C GLU B 545 -23.38 -16.55 -9.64
N TYR B 546 -24.39 -15.76 -10.01
CA TYR B 546 -24.98 -14.80 -9.09
C TYR B 546 -26.46 -14.68 -9.36
N PHE B 547 -27.25 -14.79 -8.30
CA PHE B 547 -28.70 -14.75 -8.40
C PHE B 547 -29.19 -13.34 -8.69
N PRO B 548 -30.40 -13.21 -9.24
CA PRO B 548 -30.93 -11.87 -9.51
C PRO B 548 -31.09 -11.01 -8.27
N PHE B 549 -31.34 -11.62 -7.11
CA PHE B 549 -31.56 -10.87 -5.88
C PHE B 549 -30.70 -11.42 -4.76
N PRO B 550 -30.24 -10.56 -3.84
CA PRO B 550 -29.31 -11.02 -2.82
C PRO B 550 -29.91 -12.07 -1.89
N ILE B 551 -29.08 -13.01 -1.48
CA ILE B 551 -29.45 -14.04 -0.50
C ILE B 551 -28.24 -14.28 0.39
N TYR B 552 -28.32 -13.81 1.63
CA TYR B 552 -27.22 -14.00 2.58
C TYR B 552 -27.27 -15.38 3.21
N VAL B 566 -9.17 -6.70 -7.62
CA VAL B 566 -8.83 -7.91 -8.37
C VAL B 566 -7.96 -8.82 -7.50
N GLY B 567 -6.92 -8.25 -6.90
CA GLY B 567 -6.06 -9.00 -6.01
C GLY B 567 -4.64 -9.16 -6.52
N LEU B 568 -4.24 -10.40 -6.81
CA LEU B 568 -2.88 -10.66 -7.26
C LEU B 568 -2.60 -9.99 -8.60
N TRP B 569 -3.58 -10.00 -9.50
CA TRP B 569 -3.38 -9.44 -10.83
C TRP B 569 -3.13 -7.94 -10.79
N ASN B 570 -3.65 -7.27 -9.76
CA ASN B 570 -3.37 -5.84 -9.61
C ASN B 570 -1.88 -5.59 -9.38
N SER B 571 -1.26 -6.39 -8.52
CA SER B 571 0.17 -6.25 -8.29
C SER B 571 0.97 -6.72 -9.50
N VAL B 572 0.46 -7.70 -10.23
CA VAL B 572 1.16 -8.19 -11.42
C VAL B 572 1.23 -7.10 -12.47
N LEU B 573 0.14 -6.34 -12.64
CA LEU B 573 0.13 -5.27 -13.64
C LEU B 573 1.11 -4.17 -13.28
N VAL B 574 1.25 -3.86 -11.99
CA VAL B 574 2.21 -2.84 -11.58
C VAL B 574 3.64 -3.31 -11.82
N MET B 575 3.92 -4.57 -11.49
CA MET B 575 5.24 -5.13 -11.74
C MET B 575 5.55 -5.17 -13.23
N PHE B 576 4.56 -5.54 -14.04
CA PHE B 576 4.76 -5.60 -15.50
C PHE B 576 5.04 -4.21 -16.06
N SER B 577 4.35 -3.19 -15.57
CA SER B 577 4.53 -1.84 -16.09
C SER B 577 5.95 -1.34 -15.82
N ILE B 578 6.46 -1.55 -14.61
CA ILE B 578 7.81 -1.11 -14.29
C ILE B 578 8.84 -1.86 -15.12
N LEU B 579 8.69 -3.19 -15.21
CA LEU B 579 9.64 -3.99 -15.96
C LEU B 579 9.60 -3.63 -17.45
N GLY B 580 8.41 -3.37 -17.98
CA GLY B 580 8.30 -2.91 -19.35
C GLY B 580 8.94 -1.55 -19.55
N CYS B 581 8.88 -0.70 -18.51
CA CYS B 581 9.46 0.63 -18.61
C CYS B 581 10.98 0.58 -18.70
N VAL B 582 11.61 -0.19 -17.81
CA VAL B 582 13.08 -0.25 -17.79
C VAL B 582 13.59 -0.92 -19.06
N ILE B 583 12.93 -1.99 -19.50
CA ILE B 583 13.40 -2.69 -20.69
C ILE B 583 13.21 -1.85 -21.94
N THR B 584 12.24 -0.93 -21.93
CA THR B 584 12.06 -0.04 -23.06
C THR B 584 13.16 1.01 -23.12
N ALA B 585 13.47 1.62 -21.97
CA ALA B 585 14.52 2.65 -21.95
C ALA B 585 15.88 2.06 -22.26
N THR B 586 16.18 0.88 -21.72
CA THR B 586 17.47 0.26 -21.97
C THR B 586 17.65 -0.06 -23.45
N LEU B 587 16.61 -0.58 -24.10
CA LEU B 587 16.69 -0.84 -25.53
C LEU B 587 16.94 0.45 -26.31
N THR B 588 16.27 1.53 -25.93
CA THR B 588 16.50 2.81 -26.59
C THR B 588 17.92 3.31 -26.36
N TYR B 589 18.48 3.02 -25.19
CA TYR B 589 19.82 3.48 -24.85
C TYR B 589 20.91 2.64 -25.47
N MET B 590 20.58 1.44 -25.98
CA MET B 590 21.57 0.55 -26.55
C MET B 590 21.45 0.38 -28.05
N TYR B 591 20.23 0.16 -28.56
CA TYR B 591 20.00 -0.13 -29.97
C TYR B 591 19.97 1.10 -30.85
N GLN B 592 19.89 2.30 -30.26
CA GLN B 592 19.80 3.50 -31.09
C GLN B 592 21.09 3.78 -31.85
N SER B 593 22.21 3.25 -31.37
CA SER B 593 23.51 3.45 -32.02
C SER B 593 24.28 2.15 -32.06
N CYS B 594 23.61 1.05 -32.40
CA CYS B 594 24.24 -0.25 -32.47
C CYS B 594 25.12 -0.37 -33.71
N PRO B 616 29.12 -4.44 -31.16
CA PRO B 616 27.87 -3.75 -31.53
C PRO B 616 27.30 -2.94 -30.37
N ILE B 617 28.05 -2.82 -29.29
CA ILE B 617 27.66 -2.04 -28.12
C ILE B 617 28.67 -0.91 -27.94
N ASN B 618 28.16 0.33 -27.92
CA ASN B 618 29.01 1.51 -27.84
C ASN B 618 29.41 1.86 -26.41
N HIS B 619 28.89 1.16 -25.41
CA HIS B 619 29.21 1.41 -24.02
C HIS B 619 29.45 0.10 -23.29
N SER B 620 30.35 0.15 -22.31
CA SER B 620 30.65 -1.05 -21.53
C SER B 620 29.46 -1.41 -20.65
N TRP B 621 29.48 -2.64 -20.15
CA TRP B 621 28.34 -3.17 -19.40
C TRP B 621 28.05 -2.39 -18.14
N ILE B 622 29.03 -1.65 -17.63
CA ILE B 622 28.82 -0.86 -16.42
C ILE B 622 27.87 0.30 -16.71
N ASN B 623 27.96 0.91 -17.90
CA ASN B 623 27.08 2.03 -18.22
C ASN B 623 25.64 1.58 -18.41
N ILE B 624 25.43 0.43 -19.05
CA ILE B 624 24.07 -0.05 -19.28
C ILE B 624 23.38 -0.39 -17.96
N VAL B 625 24.08 -1.09 -17.07
CA VAL B 625 23.49 -1.48 -15.80
C VAL B 625 23.16 -0.26 -14.96
N LEU B 626 24.08 0.71 -14.91
CA LEU B 626 23.81 1.93 -14.15
C LEU B 626 22.63 2.70 -14.73
N TYR B 627 22.54 2.77 -16.06
CA TYR B 627 21.41 3.45 -16.70
C TYR B 627 20.10 2.74 -16.38
N ALA B 628 20.11 1.41 -16.39
CA ALA B 628 18.89 0.66 -16.10
C ALA B 628 18.42 0.92 -14.67
N VAL B 629 19.35 0.97 -13.72
CA VAL B 629 18.98 1.24 -12.34
C VAL B 629 18.39 2.64 -12.20
N PHE B 630 19.00 3.61 -12.88
CA PHE B 630 18.48 4.98 -12.82
C PHE B 630 17.08 5.07 -13.38
N ILE B 631 16.83 4.41 -14.51
CA ILE B 631 15.49 4.42 -15.10
C ILE B 631 14.51 3.70 -14.19
N GLU B 632 14.95 2.61 -13.57
CA GLU B 632 14.06 1.85 -12.69
C GLU B 632 13.60 2.70 -11.52
N HIS B 633 14.53 3.45 -10.91
CA HIS B 633 14.18 4.25 -9.74
C HIS B 633 13.29 5.43 -10.12
N VAL B 634 13.61 6.11 -11.22
CA VAL B 634 12.78 7.25 -11.63
C VAL B 634 11.41 6.77 -12.09
N SER B 635 11.35 5.62 -12.76
CA SER B 635 10.05 5.08 -13.18
C SER B 635 9.22 4.67 -11.97
N VAL B 636 9.89 4.18 -10.92
CA VAL B 636 9.18 3.93 -9.66
C VAL B 636 8.68 5.23 -9.07
N ALA B 637 9.50 6.29 -9.15
CA ALA B 637 9.11 7.57 -8.59
C ALA B 637 7.93 8.18 -9.35
N ILE B 638 7.96 8.11 -10.68
CA ILE B 638 6.89 8.71 -11.47
C ILE B 638 5.57 8.02 -11.17
N PHE B 639 5.61 6.70 -10.97
CA PHE B 639 4.38 5.96 -10.72
C PHE B 639 3.72 6.40 -9.43
N PHE B 640 4.51 6.61 -8.37
CA PHE B 640 3.94 7.10 -7.12
C PHE B 640 3.38 8.51 -7.27
N LEU B 641 4.04 9.35 -8.09
CA LEU B 641 3.51 10.68 -8.33
C LEU B 641 2.14 10.62 -8.99
N PHE B 642 1.99 9.74 -9.98
CA PHE B 642 0.68 9.54 -10.60
C PHE B 642 -0.33 8.97 -9.61
N SER B 643 0.10 8.03 -8.78
CA SER B 643 -0.80 7.39 -7.84
C SER B 643 -1.32 8.39 -6.81
N SER B 644 -0.46 9.28 -6.33
CA SER B 644 -0.89 10.26 -5.34
C SER B 644 -1.89 11.24 -5.92
N ILE B 645 -1.69 11.66 -7.18
CA ILE B 645 -2.59 12.63 -7.79
C ILE B 645 -4.00 12.05 -7.92
N LEU B 646 -4.10 10.81 -8.37
CA LEU B 646 -5.42 10.20 -8.54
C LEU B 646 -6.07 9.94 -7.19
N LYS B 647 -5.27 9.63 -6.17
CA LYS B 647 -5.84 9.37 -4.85
C LYS B 647 -6.45 10.62 -4.24
N SER B 648 -5.91 11.80 -4.56
CA SER B 648 -6.44 13.04 -4.00
C SER B 648 -7.88 13.27 -4.47
N SER B 649 -8.17 12.98 -5.72
CA SER B 649 -9.51 13.16 -6.26
C SER B 649 -10.43 12.04 -5.83
#